data_4MBS
#
_entry.id   4MBS
#
_cell.length_a   72.920
_cell.length_b   103.520
_cell.length_c   137.470
_cell.angle_alpha   90.00
_cell.angle_beta   90.00
_cell.angle_gamma   90.00
#
_symmetry.space_group_name_H-M   'P 21 21 21'
#
loop_
_entity.id
_entity.type
_entity.pdbx_description
1 polymer 'Chimera protein of C-C chemokine receptor type 5 and Rubredoxin'
2 non-polymer 4,4-difluoro-N-[(1S)-3-{(3-exo)-3-[3-methyl-5-(propan-2-yl)-4H-1,2,4-triazol-4-yl]-8-azabicyclo[3.2.1]oct-8-yl}-1-phenylpropyl]cyclohexanecarboxamide
3 non-polymer 'ZINC ION'
4 non-polymer '(2R)-2,3-dihydroxypropyl (9Z)-octadec-9-enoate'
5 water water
#
_entity_poly.entity_id   1
_entity_poly.type   'polypeptide(L)'
_entity_poly.pdbx_seq_one_letter_code
;GAPDYQVSSPIYDINYYTSEPCQKINVKQIAARLLPPLYSLVFIFGFVGNMLVILILINYKRLKSMTDIYLLNLAISDLF
FLLTVPFWAHYAAAQWDFGNTMCQLLTGLYFIGFFSGIFFIILLTIDRYLAVVHAVFALKARTVTFGVVTSVITWVVAVF
ASLPNIIFTRSQKEGLHYTCSSHFPYSQYQFWKNFQTLKIVILGLVLPLLVMVICYSGILKTLLRMKKYTCTVCGYIYNP
EDGDPDNGVNPGTDFKDIPDDWVCPLCGVGKDQFEEVEEEKKRHRDVRLIFTIMIVYFLFWAPYNIVLLLNTFQEFFGLN
NCSSSNRLDQAMQVTETLGMTHCCINPIIYAFVGEEFRNYLLVFFQKHIAKRFCKCCSIFQQEAPERASSVYTRSTGEQE
ISVGLGRPLEVLFQ
;
_entity_poly.pdbx_strand_id   A,B
#
loop_
_chem_comp.id
_chem_comp.type
_chem_comp.name
_chem_comp.formula
MRV non-polymer 4,4-difluoro-N-[(1S)-3-{(3-exo)-3-[3-methyl-5-(propan-2-yl)-4H-1,2,4-triazol-4-yl]-8-azabicyclo[3.2.1]oct-8-yl}-1-phenylpropyl]cyclohexanecarboxamide 'C29 H41 F2 N5 O'
OLC non-polymer '(2R)-2,3-dihydroxypropyl (9Z)-octadec-9-enoate' 'C21 H40 O4'
ZN non-polymer 'ZINC ION' 'Zn 2'
#
# COMPACT_ATOMS: atom_id res chain seq x y z
N PRO A 21 21.83 -16.88 -28.02
CA PRO A 21 22.20 -17.10 -26.62
C PRO A 21 22.12 -18.58 -26.22
N CYS A 22 22.11 -18.87 -24.90
CA CYS A 22 22.04 -20.22 -24.35
C CYS A 22 20.59 -20.75 -24.40
N GLN A 23 20.45 -22.10 -24.38
CA GLN A 23 19.17 -22.81 -24.39
C GLN A 23 18.35 -22.41 -23.14
N LYS A 24 17.53 -21.34 -23.30
CA LYS A 24 16.69 -20.74 -22.25
C LYS A 24 15.55 -21.69 -21.82
N ILE A 25 14.99 -21.42 -20.62
CA ILE A 25 13.88 -22.22 -20.07
C ILE A 25 12.55 -21.74 -20.66
N ASN A 26 11.58 -22.67 -20.80
CA ASN A 26 10.24 -22.37 -21.32
C ASN A 26 9.34 -21.91 -20.17
N VAL A 27 9.19 -20.58 -20.06
CA VAL A 27 8.35 -19.90 -19.06
C VAL A 27 7.03 -19.47 -19.72
N LYS A 28 6.87 -19.79 -21.02
CA LYS A 28 5.70 -19.46 -21.83
C LYS A 28 4.45 -20.20 -21.33
N GLN A 29 4.62 -21.45 -20.85
CA GLN A 29 3.52 -22.26 -20.30
C GLN A 29 3.03 -21.68 -18.98
N ILE A 30 3.95 -21.11 -18.18
CA ILE A 30 3.65 -20.44 -16.91
C ILE A 30 2.97 -19.09 -17.21
N ALA A 31 3.58 -18.28 -18.10
CA ALA A 31 3.13 -16.95 -18.50
C ALA A 31 1.73 -16.92 -19.07
N ALA A 32 1.34 -18.00 -19.79
CA ALA A 32 0.01 -18.19 -20.39
C ALA A 32 -1.09 -18.33 -19.31
N ARG A 33 -0.73 -18.81 -18.11
CA ARG A 33 -1.65 -18.96 -16.98
C ARG A 33 -1.60 -17.77 -16.02
N LEU A 34 -0.41 -17.19 -15.81
CA LEU A 34 -0.21 -16.12 -14.84
C LEU A 34 -0.46 -14.70 -15.39
N LEU A 35 0.01 -14.36 -16.61
CA LEU A 35 -0.13 -12.98 -17.09
C LEU A 35 -1.59 -12.57 -17.44
N PRO A 36 -2.44 -13.38 -18.13
CA PRO A 36 -3.80 -12.89 -18.45
C PRO A 36 -4.60 -12.38 -17.23
N PRO A 37 -4.74 -13.09 -16.05
CA PRO A 37 -5.52 -12.50 -14.94
C PRO A 37 -4.90 -11.21 -14.39
N LEU A 38 -3.57 -11.19 -14.28
CA LEU A 38 -2.82 -10.02 -13.77
C LEU A 38 -3.12 -8.79 -14.65
N TYR A 39 -2.94 -8.93 -15.98
CA TYR A 39 -3.13 -7.87 -16.98
C TYR A 39 -4.59 -7.39 -17.01
N SER A 40 -5.54 -8.31 -16.83
CA SER A 40 -6.98 -8.00 -16.79
C SER A 40 -7.28 -7.10 -15.58
N LEU A 41 -6.66 -7.40 -14.43
CA LEU A 41 -6.82 -6.64 -13.18
C LEU A 41 -6.26 -5.22 -13.34
N VAL A 42 -4.99 -5.09 -13.79
CA VAL A 42 -4.28 -3.83 -14.07
C VAL A 42 -5.12 -2.96 -15.04
N PHE A 43 -5.65 -3.58 -16.12
CA PHE A 43 -6.46 -2.87 -17.11
C PHE A 43 -7.74 -2.29 -16.49
N ILE A 44 -8.51 -3.08 -15.70
CA ILE A 44 -9.77 -2.65 -15.09
C ILE A 44 -9.51 -1.51 -14.09
N PHE A 45 -8.61 -1.72 -13.12
CA PHE A 45 -8.24 -0.74 -12.10
C PHE A 45 -7.65 0.57 -12.74
N GLY A 46 -6.83 0.43 -13.76
CA GLY A 46 -6.21 1.55 -14.47
C GLY A 46 -7.15 2.37 -15.34
N PHE A 47 -8.06 1.67 -16.09
CA PHE A 47 -9.03 2.30 -16.98
C PHE A 47 -10.03 3.11 -16.15
N VAL A 48 -10.53 2.52 -15.05
CA VAL A 48 -11.47 3.16 -14.13
C VAL A 48 -10.77 4.39 -13.52
N GLY A 49 -9.56 4.18 -12.99
CA GLY A 49 -8.73 5.19 -12.35
C GLY A 49 -8.44 6.42 -13.19
N ASN A 50 -7.93 6.20 -14.42
CA ASN A 50 -7.56 7.28 -15.36
C ASN A 50 -8.79 7.96 -15.98
N MET A 51 -9.91 7.23 -16.15
CA MET A 51 -11.15 7.84 -16.67
C MET A 51 -11.72 8.80 -15.63
N LEU A 52 -11.66 8.43 -14.33
CA LEU A 52 -12.12 9.29 -13.24
C LEU A 52 -11.30 10.58 -13.19
N VAL A 53 -9.95 10.49 -13.28
CA VAL A 53 -9.03 11.63 -13.26
C VAL A 53 -9.43 12.60 -14.37
N ILE A 54 -9.59 12.11 -15.61
CA ILE A 54 -9.94 12.87 -16.80
C ILE A 54 -11.29 13.62 -16.62
N LEU A 55 -12.35 12.93 -16.16
CA LEU A 55 -13.65 13.58 -15.99
C LEU A 55 -13.63 14.59 -14.85
N ILE A 56 -12.80 14.37 -13.80
CA ILE A 56 -12.67 15.29 -12.66
C ILE A 56 -11.90 16.55 -13.09
N LEU A 57 -10.88 16.41 -13.96
CA LEU A 57 -10.12 17.54 -14.48
C LEU A 57 -10.90 18.34 -15.51
N ILE A 58 -11.63 17.70 -16.43
CA ILE A 58 -12.38 18.38 -17.48
C ILE A 58 -13.70 18.99 -16.94
N ASN A 59 -14.40 18.33 -15.98
CA ASN A 59 -15.69 18.83 -15.49
C ASN A 59 -15.63 19.52 -14.10
N TYR A 60 -14.90 19.01 -13.09
CA TYR A 60 -14.84 19.70 -11.79
C TYR A 60 -13.74 20.77 -11.80
N LYS A 61 -12.46 20.41 -12.13
CA LYS A 61 -11.33 21.35 -12.19
C LYS A 61 -11.43 22.28 -13.42
N ARG A 62 -12.13 21.84 -14.48
CA ARG A 62 -12.44 22.56 -15.72
C ARG A 62 -11.20 23.02 -16.54
N LEU A 63 -9.98 22.52 -16.23
CA LEU A 63 -8.71 22.85 -16.90
C LEU A 63 -8.44 24.37 -16.94
N LYS A 64 -8.40 24.99 -15.75
CA LYS A 64 -8.17 26.44 -15.59
C LYS A 64 -6.67 26.78 -15.42
N SER A 65 -5.84 25.75 -15.21
CA SER A 65 -4.41 25.91 -14.97
C SER A 65 -3.55 25.12 -15.97
N MET A 66 -2.27 25.54 -16.11
CA MET A 66 -1.24 24.89 -16.93
C MET A 66 -1.00 23.48 -16.37
N THR A 67 -0.93 23.36 -15.03
CA THR A 67 -0.77 22.10 -14.29
C THR A 67 -1.88 21.09 -14.69
N ASP A 68 -3.13 21.57 -14.82
CA ASP A 68 -4.30 20.78 -15.19
C ASP A 68 -4.19 20.24 -16.62
N ILE A 69 -3.56 21.00 -17.52
CA ILE A 69 -3.33 20.54 -18.90
C ILE A 69 -2.34 19.36 -18.89
N TYR A 70 -1.24 19.47 -18.10
CA TYR A 70 -0.22 18.41 -18.05
C TYR A 70 -0.73 17.17 -17.33
N LEU A 71 -1.55 17.36 -16.27
CA LEU A 71 -2.16 16.27 -15.52
C LEU A 71 -3.14 15.47 -16.42
N LEU A 72 -3.87 16.16 -17.31
CA LEU A 72 -4.81 15.56 -18.25
C LEU A 72 -4.05 14.72 -19.29
N ASN A 73 -2.96 15.29 -19.85
CA ASN A 73 -2.12 14.63 -20.85
C ASN A 73 -1.38 13.43 -20.26
N LEU A 74 -1.01 13.51 -18.97
CA LEU A 74 -0.38 12.40 -18.26
C LEU A 74 -1.37 11.24 -18.14
N ALA A 75 -2.66 11.53 -17.85
CA ALA A 75 -3.72 10.53 -17.75
C ALA A 75 -3.99 9.90 -19.11
N ILE A 76 -3.97 10.69 -20.20
CA ILE A 76 -4.18 10.21 -21.56
C ILE A 76 -3.06 9.21 -21.96
N SER A 77 -1.76 9.53 -21.70
CA SER A 77 -0.65 8.60 -22.03
C SER A 77 -0.71 7.31 -21.19
N ASP A 78 -1.36 7.35 -20.04
CA ASP A 78 -1.55 6.15 -19.23
C ASP A 78 -2.63 5.29 -19.87
N LEU A 79 -3.68 5.93 -20.42
CA LEU A 79 -4.80 5.29 -21.10
C LEU A 79 -4.33 4.62 -22.40
N PHE A 80 -3.43 5.28 -23.17
CA PHE A 80 -2.81 4.77 -24.41
C PHE A 80 -2.07 3.49 -24.12
N PHE A 81 -1.26 3.51 -23.06
CA PHE A 81 -0.49 2.36 -22.56
C PHE A 81 -1.44 1.23 -22.14
N LEU A 82 -2.55 1.59 -21.44
CA LEU A 82 -3.58 0.67 -20.93
C LEU A 82 -4.31 -0.09 -22.06
N LEU A 83 -4.71 0.61 -23.15
CA LEU A 83 -5.44 0.02 -24.29
C LEU A 83 -4.73 -1.22 -24.89
N THR A 84 -3.36 -1.29 -24.79
CA THR A 84 -2.51 -2.37 -25.30
C THR A 84 -2.52 -3.60 -24.40
N VAL A 85 -2.61 -3.40 -23.08
CA VAL A 85 -2.58 -4.45 -22.04
C VAL A 85 -3.58 -5.62 -22.32
N PRO A 86 -4.87 -5.44 -22.75
CA PRO A 86 -5.73 -6.61 -23.04
C PRO A 86 -5.23 -7.46 -24.21
N PHE A 87 -4.49 -6.86 -25.17
CA PHE A 87 -3.95 -7.55 -26.33
C PHE A 87 -2.74 -8.42 -25.96
N TRP A 88 -1.86 -7.93 -25.03
CA TRP A 88 -0.69 -8.67 -24.54
C TRP A 88 -1.12 -9.86 -23.72
N ALA A 89 -2.27 -9.75 -23.01
CA ALA A 89 -2.89 -10.79 -22.20
C ALA A 89 -3.33 -11.95 -23.05
N HIS A 90 -4.02 -11.66 -24.19
CA HIS A 90 -4.50 -12.67 -25.11
C HIS A 90 -3.35 -13.39 -25.78
N TYR A 91 -2.36 -12.59 -26.25
CA TYR A 91 -1.12 -13.07 -26.88
C TYR A 91 -0.40 -14.07 -25.93
N ALA A 92 -0.24 -13.70 -24.63
CA ALA A 92 0.33 -14.56 -23.58
C ALA A 92 -0.40 -15.91 -23.50
N ALA A 93 -1.74 -15.86 -23.46
CA ALA A 93 -2.67 -16.99 -23.33
C ALA A 93 -2.78 -17.86 -24.58
N ALA A 94 -2.71 -17.24 -25.78
CA ALA A 94 -2.85 -17.92 -27.07
C ALA A 94 -1.69 -17.54 -28.01
N GLN A 95 -1.99 -16.81 -29.11
CA GLN A 95 -1.02 -16.33 -30.09
C GLN A 95 -1.43 -14.93 -30.61
N TRP A 96 -0.69 -14.38 -31.59
CA TRP A 96 -1.05 -13.08 -32.14
C TRP A 96 -2.14 -13.26 -33.18
N ASP A 97 -3.38 -12.98 -32.79
CA ASP A 97 -4.57 -13.15 -33.62
C ASP A 97 -5.08 -11.80 -34.18
N PHE A 98 -4.31 -10.71 -33.97
CA PHE A 98 -4.76 -9.38 -34.33
C PHE A 98 -4.17 -8.83 -35.67
N GLY A 99 -3.24 -9.55 -36.29
CA GLY A 99 -2.63 -9.15 -37.56
C GLY A 99 -1.47 -8.19 -37.42
N ASN A 100 -0.79 -7.94 -38.55
CA ASN A 100 0.40 -7.09 -38.65
C ASN A 100 0.19 -5.61 -38.28
N THR A 101 -0.83 -4.96 -38.85
CA THR A 101 -1.10 -3.52 -38.62
C THR A 101 -1.30 -3.29 -37.12
N MET A 102 -2.10 -4.15 -36.50
CA MET A 102 -2.40 -4.12 -35.07
C MET A 102 -1.14 -4.26 -34.22
N CYS A 103 -0.23 -5.18 -34.60
CA CYS A 103 1.06 -5.41 -33.93
C CYS A 103 1.92 -4.13 -33.90
N GLN A 104 1.98 -3.39 -35.03
CA GLN A 104 2.75 -2.16 -35.14
C GLN A 104 2.06 -1.00 -34.41
N LEU A 105 0.72 -0.96 -34.47
CA LEU A 105 -0.11 0.07 -33.84
C LEU A 105 0.02 0.01 -32.32
N LEU A 106 -0.12 -1.21 -31.74
CA LEU A 106 -0.09 -1.44 -30.30
C LEU A 106 1.31 -1.27 -29.74
N THR A 107 2.36 -1.72 -30.46
CA THR A 107 3.76 -1.51 -30.10
C THR A 107 4.02 0.02 -30.11
N GLY A 108 3.42 0.70 -31.10
CA GLY A 108 3.45 2.16 -31.25
C GLY A 108 2.84 2.86 -30.06
N LEU A 109 1.60 2.50 -29.65
CA LEU A 109 0.93 3.09 -28.49
C LEU A 109 1.70 2.83 -27.17
N TYR A 110 2.41 1.68 -27.08
CA TYR A 110 3.17 1.30 -25.89
C TYR A 110 4.39 2.23 -25.71
N PHE A 111 5.15 2.46 -26.79
CA PHE A 111 6.34 3.31 -26.77
C PHE A 111 5.95 4.77 -26.59
N ILE A 112 4.94 5.25 -27.36
CA ILE A 112 4.40 6.63 -27.33
C ILE A 112 3.87 6.92 -25.93
N GLY A 113 3.07 5.98 -25.40
CA GLY A 113 2.48 6.03 -24.06
C GLY A 113 3.54 6.16 -22.99
N PHE A 114 4.64 5.42 -23.13
CA PHE A 114 5.76 5.43 -22.20
C PHE A 114 6.52 6.77 -22.23
N PHE A 115 7.05 7.16 -23.40
CA PHE A 115 7.84 8.37 -23.57
C PHE A 115 7.07 9.64 -23.20
N SER A 116 5.81 9.79 -23.68
CA SER A 116 5.02 10.98 -23.37
C SER A 116 4.73 11.07 -21.87
N GLY A 117 4.54 9.92 -21.23
CA GLY A 117 4.30 9.80 -19.80
C GLY A 117 5.41 10.41 -18.96
N ILE A 118 6.66 10.02 -19.25
CA ILE A 118 7.81 10.59 -18.52
C ILE A 118 8.04 12.08 -18.95
N PHE A 119 7.68 12.45 -20.21
CA PHE A 119 7.79 13.84 -20.69
C PHE A 119 6.82 14.78 -19.96
N PHE A 120 5.60 14.30 -19.61
CA PHE A 120 4.61 15.11 -18.89
C PHE A 120 4.92 15.18 -17.41
N ILE A 121 5.66 14.19 -16.85
CA ILE A 121 6.11 14.24 -15.46
C ILE A 121 7.26 15.30 -15.38
N ILE A 122 8.13 15.39 -16.43
CA ILE A 122 9.22 16.38 -16.52
C ILE A 122 8.62 17.80 -16.63
N LEU A 123 7.61 18.01 -17.53
CA LEU A 123 6.90 19.28 -17.74
C LEU A 123 6.22 19.75 -16.44
N LEU A 124 5.65 18.81 -15.64
CA LEU A 124 5.01 19.12 -14.36
C LEU A 124 6.03 19.60 -13.34
N THR A 125 7.24 19.01 -13.36
CA THR A 125 8.36 19.38 -12.49
C THR A 125 8.87 20.78 -12.89
N ILE A 126 9.04 21.05 -14.20
CA ILE A 126 9.50 22.37 -14.66
C ILE A 126 8.41 23.42 -14.38
N ASP A 127 7.12 23.07 -14.57
CA ASP A 127 5.96 23.94 -14.27
C ASP A 127 6.03 24.41 -12.81
N ARG A 128 6.32 23.48 -11.88
CA ARG A 128 6.44 23.77 -10.45
C ARG A 128 7.68 24.63 -10.18
N TYR A 129 8.81 24.34 -10.86
CA TYR A 129 10.07 25.08 -10.71
C TYR A 129 9.85 26.58 -11.03
N LEU A 130 9.10 26.88 -12.09
CA LEU A 130 8.78 28.27 -12.47
C LEU A 130 7.92 28.97 -11.40
N ALA A 131 6.80 28.35 -11.01
CA ALA A 131 5.86 28.89 -10.04
C ALA A 131 6.52 29.21 -8.70
N VAL A 132 7.45 28.35 -8.23
CA VAL A 132 8.13 28.48 -6.94
C VAL A 132 9.42 29.36 -7.02
N VAL A 133 10.34 29.10 -8.00
CA VAL A 133 11.66 29.78 -8.11
C VAL A 133 11.59 31.10 -8.90
N HIS A 134 10.78 31.20 -9.97
CA HIS A 134 10.65 32.43 -10.75
C HIS A 134 9.17 32.89 -10.73
N ALA A 135 8.64 33.05 -9.50
CA ALA A 135 7.25 33.36 -9.18
C ALA A 135 6.63 34.51 -9.98
N VAL A 136 7.27 35.70 -9.98
CA VAL A 136 6.74 36.88 -10.68
C VAL A 136 6.78 36.64 -12.23
N PHE A 137 7.81 35.94 -12.75
CA PHE A 137 7.90 35.60 -14.17
C PHE A 137 6.80 34.58 -14.57
N ALA A 138 6.56 33.56 -13.72
CA ALA A 138 5.55 32.50 -13.91
C ALA A 138 4.12 33.06 -14.03
N LEU A 139 3.84 34.24 -13.46
CA LEU A 139 2.54 34.92 -13.55
C LEU A 139 2.19 35.22 -15.02
N LYS A 140 3.21 35.54 -15.85
CA LYS A 140 3.07 35.86 -17.27
C LYS A 140 3.36 34.65 -18.19
N ALA A 141 4.19 33.68 -17.74
CA ALA A 141 4.64 32.52 -18.51
C ALA A 141 3.74 31.27 -18.36
N ARG A 142 3.23 31.02 -17.13
CA ARG A 142 2.37 29.88 -16.83
C ARG A 142 0.93 30.19 -17.26
N THR A 143 0.59 29.91 -18.53
CA THR A 143 -0.75 30.12 -19.08
C THR A 143 -1.28 28.77 -19.69
N VAL A 144 -2.61 28.64 -19.81
CA VAL A 144 -3.29 27.44 -20.32
C VAL A 144 -2.92 27.18 -21.79
N THR A 145 -2.90 28.24 -22.63
CA THR A 145 -2.56 28.16 -24.05
C THR A 145 -1.13 27.67 -24.25
N PHE A 146 -0.17 28.16 -23.43
CA PHE A 146 1.24 27.71 -23.47
C PHE A 146 1.32 26.23 -23.10
N GLY A 147 0.49 25.81 -22.13
CA GLY A 147 0.37 24.42 -21.70
C GLY A 147 -0.12 23.54 -22.82
N VAL A 148 -1.10 24.02 -23.59
CA VAL A 148 -1.66 23.31 -24.75
C VAL A 148 -0.61 23.26 -25.89
N VAL A 149 0.05 24.41 -26.19
CA VAL A 149 1.07 24.49 -27.25
C VAL A 149 2.20 23.50 -26.94
N THR A 150 2.67 23.47 -25.66
CA THR A 150 3.74 22.59 -25.21
C THR A 150 3.32 21.12 -25.15
N SER A 151 2.02 20.82 -24.97
CA SER A 151 1.47 19.45 -24.96
C SER A 151 1.51 18.83 -26.37
N VAL A 152 1.16 19.62 -27.39
CA VAL A 152 1.18 19.25 -28.80
C VAL A 152 2.60 18.85 -29.22
N ILE A 153 3.61 19.73 -28.98
CA ILE A 153 5.01 19.46 -29.32
C ILE A 153 5.49 18.18 -28.63
N THR A 154 5.16 18.03 -27.32
CA THR A 154 5.55 16.87 -26.50
C THR A 154 5.08 15.56 -27.15
N TRP A 155 3.80 15.51 -27.59
CA TRP A 155 3.22 14.33 -28.26
C TRP A 155 3.94 14.02 -29.57
N VAL A 156 4.27 15.08 -30.34
CA VAL A 156 4.97 14.97 -31.64
C VAL A 156 6.37 14.36 -31.39
N VAL A 157 7.11 14.90 -30.38
CA VAL A 157 8.44 14.40 -30.03
C VAL A 157 8.36 12.92 -29.62
N ALA A 158 7.34 12.51 -28.81
CA ALA A 158 7.16 11.13 -28.34
C ALA A 158 6.89 10.15 -29.50
N VAL A 159 6.08 10.58 -30.47
CA VAL A 159 5.76 9.81 -31.68
C VAL A 159 7.08 9.54 -32.45
N PHE A 160 7.92 10.59 -32.64
CA PHE A 160 9.19 10.52 -33.36
C PHE A 160 10.27 9.71 -32.64
N ALA A 161 10.26 9.73 -31.30
CA ALA A 161 11.18 8.94 -30.47
C ALA A 161 10.85 7.42 -30.54
N SER A 162 9.58 7.07 -30.82
CA SER A 162 9.06 5.71 -30.87
C SER A 162 9.10 5.09 -32.28
N LEU A 163 9.29 5.90 -33.31
CA LEU A 163 9.29 5.53 -34.73
C LEU A 163 10.23 4.35 -35.13
N PRO A 164 11.57 4.35 -34.84
CA PRO A 164 12.39 3.19 -35.27
C PRO A 164 11.83 1.85 -34.77
N ASN A 165 11.37 1.83 -33.54
CA ASN A 165 10.81 0.69 -32.83
C ASN A 165 9.56 0.11 -33.51
N ILE A 166 8.63 0.99 -33.98
CA ILE A 166 7.40 0.63 -34.70
C ILE A 166 7.77 -0.04 -36.05
N ILE A 167 8.80 0.49 -36.72
CA ILE A 167 9.27 0.04 -38.03
C ILE A 167 9.89 -1.38 -37.93
N PHE A 168 10.67 -1.68 -36.85
CA PHE A 168 11.32 -2.98 -36.59
C PHE A 168 10.35 -4.10 -36.16
N THR A 169 9.12 -3.73 -35.83
CA THR A 169 8.15 -4.65 -35.28
C THR A 169 7.25 -5.20 -36.39
N ARG A 170 6.89 -6.49 -36.27
CA ARG A 170 6.02 -7.16 -37.21
C ARG A 170 5.37 -8.41 -36.62
N SER A 171 4.33 -8.86 -37.31
CA SER A 171 3.61 -10.10 -37.08
C SER A 171 4.14 -11.09 -38.11
N GLN A 172 4.46 -12.32 -37.68
CA GLN A 172 4.94 -13.39 -38.54
C GLN A 172 4.54 -14.74 -38.03
N LYS A 173 4.47 -15.71 -38.93
CA LYS A 173 4.12 -17.08 -38.58
C LYS A 173 5.41 -17.89 -38.41
N GLU A 174 5.66 -18.36 -37.20
CA GLU A 174 6.83 -19.18 -36.90
C GLU A 174 6.34 -20.61 -36.73
N GLY A 175 6.41 -21.38 -37.81
CA GLY A 175 5.92 -22.74 -37.84
C GLY A 175 4.40 -22.77 -37.89
N LEU A 176 3.77 -23.00 -36.73
CA LEU A 176 2.31 -23.09 -36.61
C LEU A 176 1.73 -21.91 -35.83
N HIS A 177 2.57 -21.11 -35.17
CA HIS A 177 2.07 -20.02 -34.34
C HIS A 177 2.47 -18.62 -34.83
N TYR A 178 1.59 -17.66 -34.57
CA TYR A 178 1.74 -16.25 -34.91
C TYR A 178 2.32 -15.49 -33.73
N THR A 179 3.34 -14.66 -34.02
CA THR A 179 4.05 -13.83 -33.04
C THR A 179 3.96 -12.34 -33.39
N CYS A 180 4.23 -11.49 -32.40
CA CYS A 180 4.31 -10.03 -32.51
C CYS A 180 5.54 -9.65 -31.73
N SER A 181 6.63 -9.35 -32.45
CA SER A 181 7.93 -9.06 -31.85
C SER A 181 8.73 -8.04 -32.68
N SER A 182 9.82 -7.58 -32.08
CA SER A 182 10.81 -6.68 -32.65
C SER A 182 11.88 -7.52 -33.33
N HIS A 183 12.24 -7.18 -34.58
CA HIS A 183 13.26 -7.90 -35.33
C HIS A 183 14.32 -6.96 -35.89
N PHE A 184 15.49 -6.90 -35.21
CA PHE A 184 16.62 -6.07 -35.63
C PHE A 184 17.38 -6.75 -36.75
N PRO A 185 17.90 -6.00 -37.75
CA PRO A 185 18.65 -6.66 -38.85
C PRO A 185 19.95 -7.32 -38.36
N TYR A 186 20.16 -8.59 -38.73
CA TYR A 186 21.33 -9.37 -38.33
C TYR A 186 22.62 -8.75 -38.90
N SER A 187 23.77 -8.98 -38.22
CA SER A 187 25.12 -8.43 -38.54
C SER A 187 25.13 -6.90 -38.31
N GLN A 188 24.17 -6.44 -37.48
CA GLN A 188 23.87 -5.08 -37.02
C GLN A 188 23.07 -5.19 -35.73
N TYR A 189 22.77 -6.44 -35.32
CA TYR A 189 21.96 -6.82 -34.16
C TYR A 189 22.47 -6.17 -32.85
N GLN A 190 23.78 -6.31 -32.55
CA GLN A 190 24.41 -5.73 -31.36
C GLN A 190 24.33 -4.19 -31.42
N PHE A 191 24.49 -3.58 -32.62
CA PHE A 191 24.38 -2.12 -32.75
C PHE A 191 22.99 -1.64 -32.31
N TRP A 192 21.91 -2.31 -32.80
CA TRP A 192 20.54 -1.92 -32.47
C TRP A 192 20.19 -2.21 -31.02
N LYS A 193 20.65 -3.36 -30.47
CA LYS A 193 20.44 -3.69 -29.06
C LYS A 193 21.02 -2.55 -28.23
N ASN A 194 22.28 -2.15 -28.54
CA ASN A 194 23.03 -1.07 -27.87
C ASN A 194 22.33 0.29 -28.03
N PHE A 195 21.91 0.65 -29.27
CA PHE A 195 21.25 1.91 -29.58
C PHE A 195 19.90 2.04 -28.86
N GLN A 196 19.00 1.04 -29.03
CA GLN A 196 17.66 1.05 -28.44
C GLN A 196 17.71 1.00 -26.93
N THR A 197 18.78 0.42 -26.35
CA THR A 197 18.97 0.35 -24.91
C THR A 197 19.28 1.73 -24.40
N LEU A 198 20.30 2.40 -24.99
CA LEU A 198 20.75 3.73 -24.56
C LEU A 198 19.66 4.79 -24.74
N LYS A 199 18.76 4.64 -25.75
CA LYS A 199 17.64 5.53 -26.00
C LYS A 199 16.63 5.51 -24.81
N ILE A 200 16.25 4.30 -24.33
CA ILE A 200 15.29 4.12 -23.25
C ILE A 200 15.89 4.55 -21.90
N VAL A 201 17.17 4.27 -21.71
CA VAL A 201 17.93 4.57 -20.49
C VAL A 201 18.19 6.08 -20.38
N ILE A 202 18.50 6.76 -21.51
CA ILE A 202 18.76 8.20 -21.45
C ILE A 202 17.42 8.94 -21.21
N LEU A 203 16.39 8.66 -22.04
CA LEU A 203 15.09 9.32 -21.98
C LEU A 203 14.18 8.90 -20.78
N GLY A 204 14.28 7.65 -20.33
CA GLY A 204 13.46 7.16 -19.22
C GLY A 204 14.10 7.13 -17.85
N LEU A 205 15.41 7.40 -17.74
CA LEU A 205 16.09 7.38 -16.45
C LEU A 205 17.07 8.55 -16.30
N VAL A 206 18.04 8.71 -17.22
CA VAL A 206 19.06 9.75 -17.13
C VAL A 206 18.44 11.17 -17.25
N LEU A 207 17.56 11.40 -18.25
CA LEU A 207 16.91 12.70 -18.47
C LEU A 207 16.00 13.07 -17.29
N PRO A 208 14.99 12.25 -16.84
CA PRO A 208 14.16 12.67 -15.70
C PRO A 208 14.95 12.90 -14.42
N LEU A 209 15.96 12.07 -14.13
CA LEU A 209 16.82 12.16 -12.95
C LEU A 209 17.63 13.46 -12.89
N LEU A 210 18.11 13.96 -14.05
CA LEU A 210 18.87 15.20 -14.21
C LEU A 210 17.96 16.39 -13.99
N VAL A 211 16.72 16.30 -14.49
CA VAL A 211 15.67 17.30 -14.34
C VAL A 211 15.32 17.38 -12.86
N MET A 212 15.10 16.23 -12.21
CA MET A 212 14.76 16.12 -10.79
C MET A 212 15.78 16.85 -9.90
N VAL A 213 17.08 16.51 -10.04
CA VAL A 213 18.18 17.05 -9.25
C VAL A 213 18.28 18.59 -9.41
N ILE A 214 18.29 19.10 -10.65
CA ILE A 214 18.40 20.53 -10.96
C ILE A 214 17.16 21.32 -10.45
N CYS A 215 15.93 20.82 -10.72
CA CYS A 215 14.68 21.49 -10.36
C CYS A 215 14.40 21.46 -8.88
N TYR A 216 14.54 20.31 -8.20
CA TYR A 216 14.22 20.27 -6.78
C TYR A 216 15.33 20.91 -5.90
N SER A 217 16.52 21.15 -6.47
CA SER A 217 17.58 21.86 -5.76
C SER A 217 17.16 23.32 -5.61
N GLY A 218 16.62 23.88 -6.69
CA GLY A 218 16.12 25.25 -6.74
C GLY A 218 14.83 25.42 -5.96
N ILE A 219 13.89 24.46 -6.10
CA ILE A 219 12.61 24.48 -5.38
C ILE A 219 12.89 24.44 -3.88
N LEU A 220 13.67 23.45 -3.40
CA LEU A 220 14.01 23.30 -1.98
C LEU A 220 14.71 24.53 -1.43
N LYS A 221 15.61 25.16 -2.21
CA LYS A 221 16.33 26.37 -1.83
C LYS A 221 15.37 27.53 -1.56
N THR A 222 14.30 27.66 -2.38
CA THR A 222 13.29 28.71 -2.27
C THR A 222 12.37 28.42 -1.08
N LEU A 223 11.87 27.19 -0.96
CA LEU A 223 10.99 26.76 0.11
C LEU A 223 11.63 27.02 1.48
N LEU A 224 12.93 26.72 1.60
CA LEU A 224 13.67 26.91 2.85
C LEU A 224 13.96 28.37 3.17
N ARG A 225 14.32 29.19 2.17
CA ARG A 225 14.66 30.60 2.41
C ARG A 225 13.41 31.47 2.62
N MET A 226 12.21 30.91 2.40
CA MET A 226 10.93 31.61 2.56
C MET A 226 10.15 31.05 3.75
N LYS A 227 10.70 30.00 4.41
CA LYS A 227 10.13 29.35 5.59
C LYS A 227 10.04 30.37 6.76
N LYS A 228 8.81 30.47 7.32
CA LYS A 228 8.47 31.29 8.49
C LYS A 228 8.72 30.47 9.73
N TYR A 229 9.20 31.11 10.80
CA TYR A 229 9.46 30.46 12.09
C TYR A 229 8.79 31.23 13.19
N THR A 230 8.25 30.52 14.19
CA THR A 230 7.54 31.15 15.31
C THR A 230 8.20 30.79 16.64
N CYS A 231 8.21 31.76 17.56
CA CYS A 231 8.75 31.59 18.91
C CYS A 231 7.73 30.80 19.73
N THR A 232 8.15 29.65 20.31
CA THR A 232 7.27 28.79 21.12
C THR A 232 6.98 29.39 22.51
N VAL A 233 7.69 30.48 22.87
CA VAL A 233 7.55 31.15 24.17
C VAL A 233 6.51 32.30 24.11
N CYS A 234 6.74 33.34 23.27
CA CYS A 234 5.89 34.53 23.19
C CYS A 234 4.94 34.53 21.98
N GLY A 235 5.20 33.68 20.98
CA GLY A 235 4.38 33.60 19.78
C GLY A 235 4.81 34.48 18.63
N TYR A 236 5.96 35.23 18.76
CA TYR A 236 6.52 36.09 17.70
C TYR A 236 6.75 35.28 16.42
N ILE A 237 6.41 35.85 15.23
CA ILE A 237 6.62 35.14 13.95
C ILE A 237 7.73 35.82 13.16
N TYR A 238 8.76 35.05 12.76
CA TYR A 238 9.84 35.55 11.94
C TYR A 238 9.53 35.30 10.48
N ASN A 239 9.44 36.36 9.67
CA ASN A 239 9.23 36.23 8.24
C ASN A 239 10.50 36.69 7.51
N PRO A 240 11.19 35.74 6.80
CA PRO A 240 12.44 36.10 6.10
C PRO A 240 12.31 37.34 5.20
N GLU A 241 11.12 37.54 4.59
CA GLU A 241 10.78 38.66 3.70
C GLU A 241 10.97 40.02 4.40
N ASP A 242 10.67 40.09 5.71
CA ASP A 242 10.81 41.29 6.52
C ASP A 242 12.17 41.31 7.24
N GLY A 243 12.65 40.17 7.70
CA GLY A 243 13.87 40.09 8.47
C GLY A 243 13.58 40.61 9.87
N ASP A 244 14.57 41.29 10.47
CA ASP A 244 14.51 41.97 11.79
C ASP A 244 15.59 43.08 11.75
N PRO A 245 15.36 44.13 10.91
CA PRO A 245 16.42 45.14 10.68
C PRO A 245 16.89 45.93 11.90
N ASP A 246 16.08 46.04 12.95
CA ASP A 246 16.48 46.76 14.15
C ASP A 246 17.59 46.01 14.91
N ASN A 247 17.72 44.69 14.65
CA ASN A 247 18.73 43.80 15.26
C ASN A 247 19.81 43.39 14.26
N GLY A 248 19.89 44.10 13.14
CA GLY A 248 20.90 43.84 12.11
C GLY A 248 20.63 42.64 11.22
N VAL A 249 19.35 42.31 11.02
CA VAL A 249 18.93 41.20 10.15
C VAL A 249 18.18 41.80 8.95
N ASN A 250 18.88 41.85 7.79
CA ASN A 250 18.38 42.42 6.55
C ASN A 250 17.15 41.67 6.00
N PRO A 251 16.14 42.39 5.45
CA PRO A 251 15.01 41.67 4.81
C PRO A 251 15.53 40.73 3.71
N GLY A 252 14.99 39.53 3.65
CA GLY A 252 15.40 38.52 2.69
C GLY A 252 16.34 37.48 3.27
N THR A 253 16.53 37.48 4.61
CA THR A 253 17.44 36.54 5.27
C THR A 253 16.71 35.31 5.77
N ASP A 254 17.16 34.11 5.30
CA ASP A 254 16.68 32.81 5.74
C ASP A 254 16.92 32.74 7.24
N PHE A 255 15.90 32.30 8.00
CA PHE A 255 16.01 32.20 9.47
C PHE A 255 17.22 31.36 9.88
N LYS A 256 17.53 30.27 9.14
CA LYS A 256 18.65 29.39 9.43
C LYS A 256 20.00 30.10 9.23
N ASP A 257 20.04 31.19 8.42
CA ASP A 257 21.25 31.97 8.11
C ASP A 257 21.55 33.05 9.15
N ILE A 258 20.66 33.24 10.14
CA ILE A 258 20.85 34.24 11.19
C ILE A 258 21.88 33.71 12.22
N PRO A 259 22.93 34.51 12.61
CA PRO A 259 23.87 34.03 13.65
C PRO A 259 23.16 33.63 14.94
N ASP A 260 23.75 32.68 15.69
CA ASP A 260 23.20 32.11 16.93
C ASP A 260 23.19 33.10 18.14
N ASP A 261 23.78 34.32 17.98
CA ASP A 261 23.77 35.36 19.03
C ASP A 261 22.44 36.18 18.98
N TRP A 262 21.60 35.96 17.94
CA TRP A 262 20.31 36.64 17.75
C TRP A 262 19.27 36.05 18.67
N VAL A 263 18.46 36.94 19.25
CA VAL A 263 17.40 36.57 20.18
C VAL A 263 16.04 37.08 19.68
N CYS A 264 14.95 36.47 20.17
CA CYS A 264 13.59 36.86 19.85
C CYS A 264 13.39 38.36 20.14
N PRO A 265 12.92 39.17 19.16
CA PRO A 265 12.74 40.62 19.39
C PRO A 265 11.65 40.95 20.42
N LEU A 266 10.90 39.94 20.90
CA LEU A 266 9.87 40.18 21.91
C LEU A 266 10.34 39.70 23.29
N CYS A 267 10.45 38.37 23.52
CA CYS A 267 10.79 37.82 24.85
C CYS A 267 12.30 37.68 25.11
N GLY A 268 13.12 37.74 24.06
CA GLY A 268 14.57 37.65 24.19
C GLY A 268 15.19 36.27 24.33
N VAL A 269 14.45 35.21 23.94
CA VAL A 269 14.97 33.83 23.98
C VAL A 269 15.75 33.53 22.68
N GLY A 270 16.57 32.47 22.71
CA GLY A 270 17.40 32.04 21.58
C GLY A 270 16.67 31.39 20.42
N LYS A 271 17.41 31.14 19.31
CA LYS A 271 16.91 30.51 18.08
C LYS A 271 16.34 29.10 18.31
N ASP A 272 16.87 28.36 19.31
CA ASP A 272 16.47 27.00 19.68
C ASP A 272 15.00 26.92 20.17
N GLN A 273 14.42 28.06 20.63
CA GLN A 273 13.05 28.13 21.12
C GLN A 273 12.05 28.36 19.98
N PHE A 274 12.55 28.41 18.74
CA PHE A 274 11.77 28.63 17.54
C PHE A 274 11.44 27.31 16.83
N GLU A 275 10.24 27.29 16.25
CA GLU A 275 9.64 26.18 15.52
C GLU A 275 9.20 26.66 14.14
N GLU A 276 9.29 25.76 13.17
CA GLU A 276 8.89 25.96 11.79
C GLU A 276 7.34 26.10 11.68
N VAL A 277 6.88 27.06 10.85
CA VAL A 277 5.47 27.32 10.55
C VAL A 277 5.09 26.44 9.34
N GLU A 278 3.93 25.76 9.40
CA GLU A 278 3.44 24.92 8.29
C GLU A 278 3.13 25.78 7.06
N GLU A 279 3.52 25.27 5.87
CA GLU A 279 3.38 25.89 4.56
C GLU A 279 1.96 26.42 4.30
N GLU A 280 1.88 27.73 4.01
CA GLU A 280 0.63 28.45 3.77
C GLU A 280 0.32 28.62 2.27
N LYS A 281 1.37 28.89 1.44
CA LYS A 281 1.24 29.15 0.00
C LYS A 281 0.85 27.88 -0.73
N LYS A 282 -0.29 27.93 -1.48
CA LYS A 282 -0.81 26.79 -2.25
C LYS A 282 0.21 26.30 -3.26
N ARG A 283 0.94 27.24 -3.91
CA ARG A 283 1.95 26.93 -4.94
C ARG A 283 3.14 26.14 -4.34
N HIS A 284 3.46 26.39 -3.04
CA HIS A 284 4.51 25.68 -2.31
C HIS A 284 4.00 24.32 -1.86
N ARG A 285 2.73 24.24 -1.40
CA ARG A 285 2.09 23.00 -0.96
C ARG A 285 1.95 21.99 -2.13
N ASP A 286 1.70 22.52 -3.37
CA ASP A 286 1.52 21.73 -4.61
C ASP A 286 2.78 20.93 -5.00
N VAL A 287 3.95 21.29 -4.45
CA VAL A 287 5.23 20.63 -4.71
C VAL A 287 5.17 19.15 -4.23
N ARG A 288 4.43 18.85 -3.13
CA ARG A 288 4.37 17.49 -2.57
C ARG A 288 3.81 16.46 -3.56
N LEU A 289 2.74 16.81 -4.30
CA LEU A 289 2.09 15.91 -5.25
C LEU A 289 3.00 15.56 -6.42
N ILE A 290 3.53 16.59 -7.10
CA ILE A 290 4.36 16.44 -8.29
C ILE A 290 5.66 15.71 -7.92
N PHE A 291 6.29 16.00 -6.75
CA PHE A 291 7.50 15.29 -6.31
C PHE A 291 7.19 13.79 -6.07
N THR A 292 6.02 13.46 -5.45
CA THR A 292 5.56 12.08 -5.21
C THR A 292 5.39 11.34 -6.53
N ILE A 293 4.77 11.98 -7.54
CA ILE A 293 4.53 11.38 -8.86
C ILE A 293 5.87 10.93 -9.45
N MET A 294 6.90 11.83 -9.56
CA MET A 294 8.22 11.51 -10.12
C MET A 294 8.93 10.40 -9.33
N ILE A 295 8.90 10.48 -7.99
CA ILE A 295 9.58 9.48 -7.16
C ILE A 295 8.92 8.09 -7.28
N VAL A 296 7.57 8.01 -7.44
CA VAL A 296 6.86 6.74 -7.56
C VAL A 296 7.16 6.15 -8.95
N TYR A 297 7.27 7.01 -9.99
CA TYR A 297 7.63 6.62 -11.34
C TYR A 297 8.98 5.86 -11.30
N PHE A 298 10.00 6.41 -10.58
CA PHE A 298 11.32 5.77 -10.48
C PHE A 298 11.25 4.42 -9.76
N LEU A 299 10.34 4.26 -8.77
CA LEU A 299 10.21 2.99 -8.05
C LEU A 299 9.69 1.87 -8.97
N PHE A 300 8.82 2.22 -9.93
CA PHE A 300 8.23 1.27 -10.87
C PHE A 300 9.09 1.05 -12.12
N TRP A 301 9.84 2.06 -12.60
CA TRP A 301 10.58 1.92 -13.87
C TRP A 301 12.10 1.81 -13.78
N ALA A 302 12.75 2.38 -12.73
CA ALA A 302 14.21 2.30 -12.56
C ALA A 302 14.68 0.83 -12.49
N PRO A 303 13.97 -0.13 -11.83
CA PRO A 303 14.43 -1.54 -11.86
C PRO A 303 14.59 -2.07 -13.29
N TYR A 304 13.64 -1.75 -14.22
CA TYR A 304 13.71 -2.19 -15.62
C TYR A 304 14.93 -1.59 -16.34
N ASN A 305 15.12 -0.25 -16.25
CA ASN A 305 16.23 0.47 -16.90
C ASN A 305 17.59 -0.09 -16.49
N ILE A 306 17.74 -0.46 -15.21
CA ILE A 306 18.99 -0.99 -14.67
C ILE A 306 19.21 -2.43 -15.18
N VAL A 307 18.16 -3.30 -15.19
CA VAL A 307 18.23 -4.68 -15.71
C VAL A 307 18.53 -4.65 -17.25
N LEU A 308 17.87 -3.71 -17.99
CA LEU A 308 18.06 -3.50 -19.42
C LEU A 308 19.52 -3.11 -19.75
N LEU A 309 20.13 -2.29 -18.87
CA LEU A 309 21.51 -1.83 -19.00
C LEU A 309 22.50 -2.98 -18.76
N LEU A 310 22.15 -3.88 -17.84
CA LEU A 310 22.91 -5.07 -17.44
C LEU A 310 22.85 -6.17 -18.50
N ASN A 311 21.65 -6.44 -19.03
CA ASN A 311 21.34 -7.48 -20.03
C ASN A 311 22.02 -7.16 -21.38
N THR A 312 22.01 -5.88 -21.81
CA THR A 312 22.60 -5.46 -23.07
C THR A 312 24.14 -5.35 -22.94
N PHE A 313 24.61 -4.44 -22.07
CA PHE A 313 26.03 -4.14 -21.92
C PHE A 313 26.74 -4.97 -20.87
N GLN A 314 26.42 -4.77 -19.56
CA GLN A 314 27.04 -5.44 -18.41
C GLN A 314 27.05 -6.99 -18.58
N GLU A 315 26.49 -7.50 -19.69
CA GLU A 315 26.51 -8.92 -20.04
C GLU A 315 27.94 -9.30 -20.44
N PHE A 316 28.71 -8.30 -20.90
CA PHE A 316 30.12 -8.42 -21.27
C PHE A 316 30.99 -7.87 -20.13
N PHE A 317 30.54 -6.76 -19.50
CA PHE A 317 31.21 -6.06 -18.39
C PHE A 317 31.09 -6.81 -17.05
N GLY A 318 30.14 -7.76 -16.94
CA GLY A 318 29.91 -8.51 -15.72
C GLY A 318 29.67 -10.00 -15.86
N LEU A 319 28.41 -10.40 -16.22
CA LEU A 319 28.00 -11.80 -16.32
C LEU A 319 27.64 -12.23 -17.74
N ASN A 320 28.46 -13.15 -18.33
CA ASN A 320 28.30 -13.68 -19.70
C ASN A 320 27.79 -15.14 -19.74
N ASN A 321 27.77 -15.83 -18.58
CA ASN A 321 27.35 -17.23 -18.36
C ASN A 321 25.98 -17.58 -18.94
N CYS A 322 25.69 -18.89 -19.10
CA CYS A 322 24.38 -19.38 -19.58
C CYS A 322 23.32 -19.16 -18.49
N SER A 323 23.68 -19.46 -17.23
CA SER A 323 22.81 -19.33 -16.06
C SER A 323 22.39 -17.86 -15.85
N SER A 324 23.37 -16.93 -15.97
CA SER A 324 23.16 -15.50 -15.81
C SER A 324 22.37 -14.92 -17.00
N SER A 325 22.52 -15.51 -18.20
CA SER A 325 21.80 -15.08 -19.42
C SER A 325 20.29 -15.33 -19.25
N ASN A 326 19.93 -16.45 -18.60
CA ASN A 326 18.54 -16.84 -18.33
C ASN A 326 17.96 -16.00 -17.18
N ARG A 327 18.76 -15.80 -16.12
CA ARG A 327 18.44 -15.03 -14.92
C ARG A 327 18.12 -13.56 -15.27
N LEU A 328 18.92 -12.95 -16.16
CA LEU A 328 18.78 -11.58 -16.61
C LEU A 328 17.63 -11.42 -17.60
N ASP A 329 17.33 -12.45 -18.41
CA ASP A 329 16.21 -12.41 -19.36
C ASP A 329 14.87 -12.50 -18.60
N GLN A 330 14.80 -13.37 -17.56
CA GLN A 330 13.63 -13.54 -16.70
C GLN A 330 13.40 -12.27 -15.87
N ALA A 331 14.50 -11.61 -15.43
CA ALA A 331 14.45 -10.35 -14.66
C ALA A 331 13.93 -9.20 -15.54
N MET A 332 14.24 -9.24 -16.85
CA MET A 332 13.76 -8.25 -17.80
C MET A 332 12.24 -8.38 -17.95
N GLN A 333 11.71 -9.61 -17.99
CA GLN A 333 10.26 -9.86 -18.09
C GLN A 333 9.53 -9.36 -16.83
N VAL A 334 10.05 -9.69 -15.61
CA VAL A 334 9.47 -9.30 -14.33
C VAL A 334 9.45 -7.76 -14.17
N THR A 335 10.61 -7.10 -14.40
CA THR A 335 10.74 -5.64 -14.25
C THR A 335 9.93 -4.84 -15.27
N GLU A 336 9.75 -5.36 -16.50
CA GLU A 336 8.94 -4.69 -17.52
C GLU A 336 7.44 -4.82 -17.15
N THR A 337 7.04 -5.97 -16.54
CA THR A 337 5.69 -6.23 -16.06
C THR A 337 5.41 -5.24 -14.90
N LEU A 338 6.37 -5.07 -13.96
CA LEU A 338 6.29 -4.11 -12.85
C LEU A 338 6.09 -2.67 -13.38
N GLY A 339 6.86 -2.33 -14.41
CA GLY A 339 6.77 -1.02 -15.04
C GLY A 339 5.42 -0.79 -15.65
N MET A 340 4.91 -1.78 -16.42
CA MET A 340 3.61 -1.71 -17.09
C MET A 340 2.51 -1.37 -16.07
N THR A 341 2.55 -2.03 -14.90
CA THR A 341 1.64 -1.89 -13.75
C THR A 341 1.45 -0.43 -13.31
N HIS A 342 2.48 0.44 -13.51
CA HIS A 342 2.50 1.84 -13.13
C HIS A 342 1.38 2.66 -13.79
N CYS A 343 0.85 2.19 -14.95
CA CYS A 343 -0.22 2.90 -15.67
C CYS A 343 -1.52 3.01 -14.82
N CYS A 344 -1.60 2.31 -13.66
CA CYS A 344 -2.77 2.36 -12.78
C CYS A 344 -2.48 3.00 -11.37
N ILE A 345 -1.26 3.51 -11.13
CA ILE A 345 -0.83 4.04 -9.82
C ILE A 345 -1.09 5.56 -9.59
N ASN A 346 -0.87 6.45 -10.58
CA ASN A 346 -1.09 7.91 -10.39
C ASN A 346 -2.49 8.22 -9.82
N PRO A 347 -3.62 7.64 -10.30
CA PRO A 347 -4.92 7.98 -9.69
C PRO A 347 -4.93 7.76 -8.17
N ILE A 348 -4.25 6.69 -7.65
CA ILE A 348 -4.16 6.41 -6.18
C ILE A 348 -3.45 7.58 -5.50
N ILE A 349 -2.35 8.05 -6.11
CA ILE A 349 -1.56 9.15 -5.58
C ILE A 349 -2.43 10.40 -5.43
N TYR A 350 -3.18 10.80 -6.48
CA TYR A 350 -4.03 12.00 -6.44
C TYR A 350 -5.03 11.93 -5.30
N ALA A 351 -5.60 10.73 -5.07
CA ALA A 351 -6.60 10.47 -4.03
C ALA A 351 -6.05 10.67 -2.61
N PHE A 352 -4.75 10.36 -2.38
CA PHE A 352 -4.16 10.46 -1.05
C PHE A 352 -3.24 11.66 -0.84
N VAL A 353 -2.47 12.05 -1.86
CA VAL A 353 -1.49 13.14 -1.75
C VAL A 353 -2.09 14.47 -2.24
N GLY A 354 -2.97 14.43 -3.24
CA GLY A 354 -3.61 15.61 -3.80
C GLY A 354 -4.68 16.17 -2.89
N GLU A 355 -4.51 17.43 -2.47
CA GLU A 355 -5.42 18.11 -1.55
C GLU A 355 -6.79 18.38 -2.15
N GLU A 356 -6.85 18.86 -3.40
CA GLU A 356 -8.11 19.19 -4.08
C GLU A 356 -8.96 17.94 -4.34
N PHE A 357 -8.34 16.89 -4.90
CA PHE A 357 -8.94 15.61 -5.26
C PHE A 357 -9.63 14.92 -4.06
N ARG A 358 -9.02 15.00 -2.86
CA ARG A 358 -9.59 14.40 -1.65
C ARG A 358 -10.69 15.31 -1.07
N ASN A 359 -10.59 16.65 -1.25
CA ASN A 359 -11.58 17.61 -0.76
C ASN A 359 -12.88 17.55 -1.56
N TYR A 360 -12.78 17.32 -2.88
CA TYR A 360 -13.92 17.20 -3.80
C TYR A 360 -14.80 16.00 -3.39
N LEU A 361 -14.16 14.84 -3.15
CA LEU A 361 -14.80 13.58 -2.72
C LEU A 361 -15.58 13.74 -1.41
N LEU A 362 -15.08 14.58 -0.48
CA LEU A 362 -15.71 14.86 0.82
C LEU A 362 -17.05 15.60 0.67
N VAL A 363 -17.15 16.53 -0.32
CA VAL A 363 -18.37 17.30 -0.60
C VAL A 363 -19.34 16.44 -1.44
N PHE A 364 -18.81 15.73 -2.47
CA PHE A 364 -19.54 14.85 -3.41
C PHE A 364 -20.34 13.75 -2.69
N PHE A 365 -19.79 13.20 -1.58
CA PHE A 365 -20.42 12.16 -0.75
C PHE A 365 -21.47 12.77 0.20
N GLN A 366 -21.05 13.76 1.03
CA GLN A 366 -21.90 14.42 2.03
C GLN A 366 -22.98 15.28 1.37
N PRO B 21 7.79 -36.11 -0.59
CA PRO B 21 8.19 -36.48 0.77
C PRO B 21 8.09 -37.99 1.02
N CYS B 22 8.13 -38.40 2.31
CA CYS B 22 8.03 -39.79 2.77
C CYS B 22 6.58 -40.27 2.68
N GLN B 23 6.39 -41.62 2.65
CA GLN B 23 5.09 -42.29 2.63
C GLN B 23 4.28 -41.92 3.91
N LYS B 24 3.49 -40.84 3.78
CA LYS B 24 2.66 -40.25 4.84
C LYS B 24 1.51 -41.17 5.28
N ILE B 25 0.97 -40.92 6.48
CA ILE B 25 -0.13 -41.69 7.04
C ILE B 25 -1.48 -41.19 6.49
N ASN B 26 -2.46 -42.10 6.39
CA ASN B 26 -3.79 -41.78 5.90
C ASN B 26 -4.68 -41.34 7.08
N VAL B 27 -4.80 -40.01 7.22
CA VAL B 27 -5.62 -39.34 8.24
C VAL B 27 -6.94 -38.86 7.60
N LYS B 28 -7.12 -39.18 6.29
CA LYS B 28 -8.30 -38.83 5.49
C LYS B 28 -9.54 -39.56 6.02
N GLN B 29 -9.39 -40.80 6.51
CA GLN B 29 -10.50 -41.57 7.07
C GLN B 29 -10.99 -40.96 8.42
N ILE B 30 -10.08 -40.38 9.23
CA ILE B 30 -10.48 -39.74 10.49
C ILE B 30 -10.98 -38.30 10.21
N ALA B 31 -10.40 -37.60 9.21
CA ALA B 31 -10.79 -36.24 8.82
C ALA B 31 -12.21 -36.21 8.22
N ALA B 32 -12.60 -37.28 7.51
CA ALA B 32 -13.92 -37.44 6.89
C ALA B 32 -15.05 -37.52 7.93
N ARG B 33 -14.73 -37.97 9.15
CA ARG B 33 -15.68 -38.10 10.25
C ARG B 33 -15.63 -36.89 11.19
N LEU B 34 -14.42 -36.33 11.39
CA LEU B 34 -14.11 -35.26 12.34
C LEU B 34 -14.32 -33.83 11.81
N LEU B 35 -13.93 -33.54 10.55
CA LEU B 35 -14.04 -32.17 10.03
C LEU B 35 -15.48 -31.74 9.64
N PRO B 36 -16.35 -32.54 8.96
CA PRO B 36 -17.70 -32.04 8.62
C PRO B 36 -18.49 -31.48 9.83
N PRO B 37 -18.62 -32.13 11.04
CA PRO B 37 -19.38 -31.49 12.14
C PRO B 37 -18.76 -30.18 12.66
N LEU B 38 -17.42 -30.12 12.85
CA LEU B 38 -16.74 -28.91 13.33
C LEU B 38 -16.93 -27.74 12.33
N TYR B 39 -16.77 -28.02 11.01
CA TYR B 39 -16.94 -27.00 9.97
C TYR B 39 -18.38 -26.49 9.91
N SER B 40 -19.37 -27.38 10.13
CA SER B 40 -20.79 -27.03 10.16
C SER B 40 -21.09 -26.09 11.32
N LEU B 41 -20.49 -26.36 12.49
CA LEU B 41 -20.65 -25.55 13.69
C LEU B 41 -20.07 -24.15 13.47
N VAL B 42 -18.78 -24.06 13.04
CA VAL B 42 -18.04 -22.82 12.73
C VAL B 42 -18.85 -21.98 11.71
N PHE B 43 -19.37 -22.62 10.65
CA PHE B 43 -20.17 -21.94 9.63
C PHE B 43 -21.45 -21.31 10.21
N ILE B 44 -22.23 -22.05 11.03
CA ILE B 44 -23.50 -21.57 11.61
C ILE B 44 -23.22 -20.38 12.55
N PHE B 45 -22.33 -20.55 13.56
CA PHE B 45 -21.93 -19.49 14.49
C PHE B 45 -21.39 -18.24 13.76
N GLY B 46 -20.45 -18.46 12.86
CA GLY B 46 -19.83 -17.40 12.08
C GLY B 46 -20.75 -16.63 11.17
N PHE B 47 -21.70 -17.34 10.50
CA PHE B 47 -22.63 -16.70 9.58
C PHE B 47 -23.63 -15.84 10.34
N VAL B 48 -24.20 -16.34 11.42
CA VAL B 48 -25.16 -15.58 12.20
C VAL B 48 -24.41 -14.41 12.87
N GLY B 49 -23.26 -14.71 13.48
CA GLY B 49 -22.43 -13.72 14.16
C GLY B 49 -22.05 -12.53 13.30
N ASN B 50 -21.48 -12.79 12.10
CA ASN B 50 -21.04 -11.75 11.17
C ASN B 50 -22.21 -11.04 10.46
N MET B 51 -23.35 -11.72 10.24
CA MET B 51 -24.54 -11.08 9.65
C MET B 51 -25.11 -10.07 10.64
N LEU B 52 -25.13 -10.41 11.94
CA LEU B 52 -25.61 -9.51 13.00
C LEU B 52 -24.75 -8.27 13.08
N VAL B 53 -23.40 -8.43 13.04
CA VAL B 53 -22.44 -7.31 13.09
C VAL B 53 -22.72 -6.35 11.93
N ILE B 54 -22.81 -6.88 10.67
CA ILE B 54 -23.09 -6.10 9.46
C ILE B 54 -24.42 -5.33 9.60
N LEU B 55 -25.50 -6.02 10.06
CA LEU B 55 -26.82 -5.41 10.26
C LEU B 55 -26.80 -4.31 11.33
N ILE B 56 -26.08 -4.49 12.46
CA ILE B 56 -25.99 -3.47 13.54
C ILE B 56 -25.21 -2.23 13.04
N LEU B 57 -24.04 -2.44 12.38
CA LEU B 57 -23.20 -1.35 11.86
C LEU B 57 -23.94 -0.47 10.83
N ILE B 58 -24.68 -1.10 9.92
CA ILE B 58 -25.38 -0.44 8.84
C ILE B 58 -26.71 0.23 9.32
N ASN B 59 -27.55 -0.48 10.12
CA ASN B 59 -28.84 0.03 10.55
C ASN B 59 -28.82 0.83 11.86
N TYR B 60 -28.05 0.40 12.88
CA TYR B 60 -28.00 1.17 14.13
C TYR B 60 -26.83 2.17 14.13
N LYS B 61 -25.58 1.70 13.93
CA LYS B 61 -24.42 2.58 13.95
C LYS B 61 -24.39 3.54 12.75
N ARG B 62 -25.02 3.14 11.63
CA ARG B 62 -25.19 3.91 10.38
C ARG B 62 -23.85 4.31 9.68
N LEU B 63 -22.71 3.73 10.14
CA LEU B 63 -21.35 3.93 9.60
C LEU B 63 -20.94 5.42 9.59
N LYS B 64 -21.05 6.08 10.75
CA LYS B 64 -20.75 7.51 10.95
C LYS B 64 -19.25 7.76 11.22
N SER B 65 -18.50 6.67 11.45
CA SER B 65 -17.08 6.73 11.78
C SER B 65 -16.22 5.90 10.81
N MET B 66 -14.91 6.24 10.75
CA MET B 66 -13.88 5.52 9.99
C MET B 66 -13.77 4.09 10.56
N THR B 67 -13.78 3.96 11.89
CA THR B 67 -13.75 2.70 12.63
C THR B 67 -14.87 1.76 12.16
N ASP B 68 -16.09 2.30 11.97
CA ASP B 68 -17.27 1.56 11.51
C ASP B 68 -17.09 1.02 10.11
N ILE B 69 -16.39 1.78 9.22
CA ILE B 69 -16.12 1.32 7.85
C ILE B 69 -15.19 0.09 7.91
N TYR B 70 -14.14 0.13 8.75
CA TYR B 70 -13.18 -0.97 8.85
C TYR B 70 -13.77 -2.20 9.53
N LEU B 71 -14.64 -2.01 10.56
CA LEU B 71 -15.30 -3.13 11.21
C LEU B 71 -16.26 -3.83 10.25
N LEU B 72 -16.95 -3.06 9.38
CA LEU B 72 -17.87 -3.63 8.38
C LEU B 72 -17.11 -4.49 7.39
N ASN B 73 -15.96 -3.97 6.88
CA ASN B 73 -15.11 -4.67 5.91
C ASN B 73 -14.45 -5.89 6.52
N LEU B 74 -14.13 -5.84 7.83
CA LEU B 74 -13.57 -6.98 8.57
C LEU B 74 -14.61 -8.10 8.63
N ALA B 75 -15.90 -7.74 8.89
CA ALA B 75 -17.02 -8.69 8.94
C ALA B 75 -17.25 -9.32 7.57
N ILE B 76 -17.16 -8.53 6.48
CA ILE B 76 -17.35 -9.01 5.11
C ILE B 76 -16.25 -10.02 4.76
N SER B 77 -14.97 -9.72 5.09
CA SER B 77 -13.85 -10.62 4.80
C SER B 77 -13.96 -11.94 5.58
N ASP B 78 -14.67 -11.95 6.74
CA ASP B 78 -14.93 -13.16 7.54
C ASP B 78 -16.03 -13.97 6.87
N LEU B 79 -17.03 -13.29 6.29
CA LEU B 79 -18.15 -13.89 5.57
C LEU B 79 -17.67 -14.58 4.27
N PHE B 80 -16.72 -13.95 3.55
CA PHE B 80 -16.10 -14.50 2.34
C PHE B 80 -15.43 -15.81 2.67
N PHE B 81 -14.63 -15.82 3.75
CA PHE B 81 -13.92 -16.98 4.28
C PHE B 81 -14.91 -18.07 4.67
N LEU B 82 -16.02 -17.68 5.34
CA LEU B 82 -17.08 -18.55 5.81
C LEU B 82 -17.78 -19.30 4.69
N LEU B 83 -18.12 -18.61 3.57
CA LEU B 83 -18.85 -19.20 2.44
C LEU B 83 -18.16 -20.45 1.85
N THR B 84 -16.85 -20.60 2.04
CA THR B 84 -16.01 -21.71 1.55
C THR B 84 -16.07 -22.94 2.46
N VAL B 85 -16.20 -22.72 3.78
CA VAL B 85 -16.20 -23.74 4.83
C VAL B 85 -17.22 -24.91 4.53
N PRO B 86 -18.50 -24.71 4.08
CA PRO B 86 -19.36 -25.88 3.78
C PRO B 86 -18.84 -26.78 2.65
N PHE B 87 -18.06 -26.20 1.70
CA PHE B 87 -17.49 -26.93 0.57
C PHE B 87 -16.30 -27.79 0.99
N TRP B 88 -15.46 -27.30 1.94
CA TRP B 88 -14.30 -28.04 2.48
C TRP B 88 -14.77 -29.20 3.31
N ALA B 89 -15.95 -29.06 3.97
CA ALA B 89 -16.61 -30.08 4.81
C ALA B 89 -17.03 -31.26 3.97
N HIS B 90 -17.66 -30.99 2.80
CA HIS B 90 -18.09 -32.03 1.86
C HIS B 90 -16.86 -32.75 1.25
N TYR B 91 -15.80 -31.98 0.87
CA TYR B 91 -14.54 -32.46 0.27
C TYR B 91 -13.81 -33.40 1.25
N ALA B 92 -13.83 -33.11 2.56
CA ALA B 92 -13.25 -34.00 3.56
C ALA B 92 -14.08 -35.30 3.62
N ALA B 93 -15.43 -35.18 3.70
CA ALA B 93 -16.37 -36.29 3.79
C ALA B 93 -16.40 -37.18 2.54
N ALA B 94 -16.22 -36.60 1.34
CA ALA B 94 -16.29 -37.29 0.06
C ALA B 94 -15.08 -36.91 -0.83
N GLN B 95 -15.33 -36.22 -1.97
CA GLN B 95 -14.32 -35.77 -2.95
C GLN B 95 -14.72 -34.40 -3.52
N TRP B 96 -13.96 -33.86 -4.51
CA TRP B 96 -14.32 -32.58 -5.10
C TRP B 96 -15.38 -32.79 -6.16
N ASP B 97 -16.63 -32.49 -5.79
CA ASP B 97 -17.80 -32.68 -6.66
C ASP B 97 -18.31 -31.34 -7.24
N PHE B 98 -17.56 -30.25 -7.04
CA PHE B 98 -17.99 -28.91 -7.43
C PHE B 98 -17.38 -28.38 -8.76
N GLY B 99 -16.43 -29.10 -9.35
CA GLY B 99 -15.81 -28.68 -10.60
C GLY B 99 -14.65 -27.72 -10.45
N ASN B 100 -13.93 -27.48 -11.55
CA ASN B 100 -12.74 -26.62 -11.63
C ASN B 100 -12.97 -25.12 -11.32
N THR B 101 -14.02 -24.47 -11.90
CA THR B 101 -14.28 -23.03 -11.69
C THR B 101 -14.52 -22.80 -10.21
N MET B 102 -15.31 -23.68 -9.59
CA MET B 102 -15.65 -23.63 -8.17
C MET B 102 -14.41 -23.76 -7.29
N CYS B 103 -13.49 -24.66 -7.64
CA CYS B 103 -12.22 -24.90 -6.95
C CYS B 103 -11.37 -23.62 -6.91
N GLN B 104 -11.29 -22.89 -8.04
CA GLN B 104 -10.51 -21.64 -8.14
C GLN B 104 -11.22 -20.47 -7.43
N LEU B 105 -12.56 -20.45 -7.53
CA LEU B 105 -13.39 -19.42 -6.91
C LEU B 105 -13.29 -19.47 -5.40
N LEU B 106 -13.46 -20.67 -4.81
CA LEU B 106 -13.45 -20.89 -3.37
C LEU B 106 -12.07 -20.72 -2.77
N THR B 107 -11.02 -21.19 -3.47
CA THR B 107 -9.61 -20.99 -3.09
C THR B 107 -9.34 -19.47 -3.13
N GLY B 108 -9.90 -18.78 -4.13
CA GLY B 108 -9.84 -17.34 -4.28
C GLY B 108 -10.45 -16.61 -3.10
N LEU B 109 -11.71 -16.94 -2.73
CA LEU B 109 -12.38 -16.35 -1.58
C LEU B 109 -11.64 -16.61 -0.25
N TYR B 110 -10.97 -17.76 -0.12
CA TYR B 110 -10.22 -18.15 1.08
C TYR B 110 -8.97 -17.26 1.26
N PHE B 111 -8.19 -17.05 0.18
CA PHE B 111 -6.97 -16.25 0.24
C PHE B 111 -7.31 -14.76 0.42
N ILE B 112 -8.27 -14.23 -0.40
CA ILE B 112 -8.74 -12.84 -0.37
C ILE B 112 -9.34 -12.55 1.03
N GLY B 113 -10.17 -13.47 1.53
CA GLY B 113 -10.79 -13.40 2.85
C GLY B 113 -9.75 -13.30 3.95
N PHE B 114 -8.68 -14.09 3.84
CA PHE B 114 -7.58 -14.13 4.81
C PHE B 114 -6.77 -12.82 4.81
N PHE B 115 -6.19 -12.45 3.65
CA PHE B 115 -5.35 -11.26 3.52
C PHE B 115 -6.07 -9.97 3.88
N SER B 116 -7.30 -9.76 3.36
CA SER B 116 -8.05 -8.53 3.65
C SER B 116 -8.40 -8.45 5.15
N GLY B 117 -8.63 -9.61 5.77
CA GLY B 117 -8.96 -9.73 7.19
C GLY B 117 -7.86 -9.18 8.07
N ILE B 118 -6.62 -9.59 7.82
CA ILE B 118 -5.52 -9.09 8.63
C ILE B 118 -5.22 -7.61 8.24
N PHE B 119 -5.46 -7.22 6.96
CA PHE B 119 -5.28 -5.83 6.51
C PHE B 119 -6.25 -4.87 7.23
N PHE B 120 -7.49 -5.31 7.50
CA PHE B 120 -8.47 -4.46 8.18
C PHE B 120 -8.21 -4.43 9.69
N ILE B 121 -7.56 -5.48 10.27
CA ILE B 121 -7.16 -5.47 11.69
C ILE B 121 -5.97 -4.45 11.85
N ILE B 122 -5.06 -4.38 10.84
CA ILE B 122 -3.94 -3.42 10.82
C ILE B 122 -4.48 -1.97 10.73
N LEU B 123 -5.43 -1.70 9.81
CA LEU B 123 -6.05 -0.37 9.61
C LEU B 123 -6.81 0.07 10.86
N LEU B 124 -7.43 -0.87 11.59
CA LEU B 124 -8.13 -0.57 12.84
C LEU B 124 -7.13 -0.16 13.93
N THR B 125 -5.94 -0.79 13.94
CA THR B 125 -4.85 -0.47 14.87
C THR B 125 -4.27 0.91 14.53
N ILE B 126 -4.02 1.19 13.22
CA ILE B 126 -3.48 2.50 12.82
C ILE B 126 -4.54 3.58 13.07
N ASP B 127 -5.85 3.27 12.83
CA ASP B 127 -6.97 4.19 13.06
C ASP B 127 -6.96 4.64 14.54
N ARG B 128 -6.76 3.68 15.48
CA ARG B 128 -6.68 3.96 16.91
C ARG B 128 -5.41 4.75 17.25
N TYR B 129 -4.25 4.43 16.62
CA TYR B 129 -2.98 5.12 16.82
C TYR B 129 -3.12 6.61 16.52
N LEU B 130 -3.82 6.96 15.45
CA LEU B 130 -4.03 8.36 15.06
C LEU B 130 -4.90 9.09 16.09
N ALA B 131 -6.08 8.52 16.44
CA ALA B 131 -7.03 9.09 17.37
C ALA B 131 -6.41 9.36 18.76
N VAL B 132 -5.54 8.45 19.25
CA VAL B 132 -4.89 8.54 20.56
C VAL B 132 -3.57 9.35 20.54
N VAL B 133 -2.62 9.08 19.61
CA VAL B 133 -1.28 9.68 19.55
C VAL B 133 -1.24 11.01 18.78
N HIS B 134 -1.99 11.14 17.67
CA HIS B 134 -2.03 12.39 16.91
C HIS B 134 -3.47 12.91 16.86
N ALA B 135 -4.07 13.10 18.06
CA ALA B 135 -5.46 13.47 18.31
C ALA B 135 -5.95 14.66 17.46
N VAL B 136 -5.24 15.82 17.51
CA VAL B 136 -5.66 17.03 16.78
C VAL B 136 -5.55 16.80 15.24
N PHE B 137 -4.54 16.03 14.78
CA PHE B 137 -4.38 15.70 13.36
C PHE B 137 -5.50 14.75 12.88
N ALA B 138 -5.85 13.74 13.72
CA ALA B 138 -6.90 12.74 13.46
C ALA B 138 -8.28 13.37 13.24
N LEU B 139 -8.53 14.57 13.82
CA LEU B 139 -9.78 15.32 13.65
C LEU B 139 -10.04 15.62 12.15
N LYS B 140 -8.96 15.89 11.39
CA LYS B 140 -8.98 16.21 9.97
C LYS B 140 -8.66 15.00 9.06
N ALA B 141 -7.92 14.00 9.57
CA ALA B 141 -7.50 12.81 8.82
C ALA B 141 -8.46 11.59 8.92
N ARG B 142 -9.04 11.32 10.11
CA ARG B 142 -9.96 10.16 10.30
C ARG B 142 -11.39 10.50 9.84
N THR B 143 -11.64 10.42 8.54
CA THR B 143 -12.95 10.73 7.94
C THR B 143 -13.52 9.44 7.29
N VAL B 144 -14.86 9.41 7.09
CA VAL B 144 -15.58 8.25 6.52
C VAL B 144 -15.15 8.01 5.06
N THR B 145 -15.03 9.08 4.26
CA THR B 145 -14.62 9.00 2.85
C THR B 145 -13.20 8.41 2.71
N PHE B 146 -12.25 8.84 3.58
CA PHE B 146 -10.88 8.31 3.60
C PHE B 146 -10.91 6.81 3.95
N GLY B 147 -11.80 6.43 4.88
CA GLY B 147 -12.04 5.04 5.29
C GLY B 147 -12.53 4.21 4.12
N VAL B 148 -13.44 4.76 3.31
CA VAL B 148 -14.00 4.11 2.14
C VAL B 148 -12.91 4.01 1.03
N VAL B 149 -12.16 5.11 0.78
CA VAL B 149 -11.10 5.14 -0.22
C VAL B 149 -10.04 4.06 0.11
N THR B 150 -9.58 4.00 1.37
CA THR B 150 -8.59 3.00 1.82
C THR B 150 -9.18 1.57 1.75
N SER B 151 -10.49 1.38 2.03
CA SER B 151 -11.14 0.05 1.99
C SER B 151 -11.09 -0.56 0.58
N VAL B 152 -11.36 0.26 -0.44
CA VAL B 152 -11.32 -0.11 -1.87
C VAL B 152 -9.90 -0.58 -2.25
N ILE B 153 -8.86 0.24 -1.97
CA ILE B 153 -7.46 -0.08 -2.25
C ILE B 153 -7.06 -1.37 -1.52
N THR B 154 -7.45 -1.51 -0.24
CA THR B 154 -7.15 -2.68 0.58
C THR B 154 -7.65 -3.98 -0.08
N TRP B 155 -8.90 -3.98 -0.59
CA TRP B 155 -9.50 -5.13 -1.28
C TRP B 155 -8.74 -5.46 -2.57
N VAL B 156 -8.31 -4.40 -3.32
CA VAL B 156 -7.55 -4.54 -4.57
C VAL B 156 -6.18 -5.17 -4.27
N VAL B 157 -5.49 -4.68 -3.22
CA VAL B 157 -4.20 -5.22 -2.79
C VAL B 157 -4.35 -6.72 -2.41
N ALA B 158 -5.42 -7.09 -1.66
CA ALA B 158 -5.70 -8.47 -1.24
C ALA B 158 -5.94 -9.40 -2.44
N VAL B 159 -6.66 -8.93 -3.51
CA VAL B 159 -6.92 -9.70 -4.74
C VAL B 159 -5.58 -9.94 -5.47
N PHE B 160 -4.71 -8.91 -5.55
CA PHE B 160 -3.42 -9.06 -6.18
C PHE B 160 -2.48 -9.99 -5.43
N ALA B 161 -2.53 -9.99 -4.10
CA ALA B 161 -1.71 -10.85 -3.24
C ALA B 161 -2.14 -12.32 -3.33
N SER B 162 -3.41 -12.59 -3.66
CA SER B 162 -4.01 -13.92 -3.75
C SER B 162 -3.97 -14.53 -5.16
N LEU B 163 -3.72 -13.71 -6.18
CA LEU B 163 -3.71 -14.06 -7.59
C LEU B 163 -2.83 -15.28 -7.97
N PRO B 164 -1.49 -15.36 -7.67
CA PRO B 164 -0.72 -16.56 -8.10
C PRO B 164 -1.35 -17.86 -7.64
N ASN B 165 -1.82 -17.86 -6.38
CA ASN B 165 -2.44 -18.98 -5.69
C ASN B 165 -3.70 -19.49 -6.40
N ILE B 166 -4.61 -18.59 -6.86
CA ILE B 166 -5.84 -18.91 -7.60
C ILE B 166 -5.49 -19.56 -8.95
N ILE B 167 -4.44 -19.05 -9.62
CA ILE B 167 -3.97 -19.50 -10.93
C ILE B 167 -3.42 -20.93 -10.86
N PHE B 168 -2.62 -21.26 -9.85
CA PHE B 168 -2.05 -22.60 -9.76
C PHE B 168 -2.93 -23.61 -8.98
N THR B 169 -4.19 -23.27 -8.76
CA THR B 169 -5.15 -24.18 -8.18
C THR B 169 -6.04 -24.73 -9.30
N ARG B 170 -6.38 -26.02 -9.19
CA ARG B 170 -7.26 -26.69 -10.14
C ARG B 170 -7.88 -27.95 -9.55
N SER B 171 -8.92 -28.41 -10.23
CA SER B 171 -9.62 -29.66 -10.00
C SER B 171 -9.08 -30.67 -11.01
N GLN B 172 -8.76 -31.88 -10.54
CA GLN B 172 -8.25 -32.96 -11.39
C GLN B 172 -8.64 -34.32 -10.86
N LYS B 173 -8.68 -35.31 -11.75
CA LYS B 173 -9.01 -36.68 -11.36
C LYS B 173 -7.72 -37.47 -11.17
N GLU B 174 -7.45 -37.91 -9.94
CA GLU B 174 -6.28 -38.70 -9.64
C GLU B 174 -6.74 -40.13 -9.44
N GLY B 175 -6.66 -40.91 -10.50
CA GLY B 175 -7.12 -42.29 -10.50
C GLY B 175 -8.63 -42.36 -10.56
N LEU B 176 -9.27 -42.56 -9.39
CA LEU B 176 -10.73 -42.66 -9.27
C LEU B 176 -11.34 -41.48 -8.53
N HIS B 177 -10.51 -40.66 -7.88
CA HIS B 177 -11.05 -39.56 -7.08
C HIS B 177 -10.66 -38.16 -7.60
N TYR B 178 -11.58 -37.19 -7.36
CA TYR B 178 -11.45 -35.80 -7.74
C TYR B 178 -10.90 -35.02 -6.57
N THR B 179 -9.89 -34.18 -6.87
CA THR B 179 -9.18 -33.33 -5.89
C THR B 179 -9.30 -31.84 -6.27
N CYS B 180 -9.04 -30.97 -5.30
CA CYS B 180 -8.97 -29.51 -5.43
C CYS B 180 -7.75 -29.12 -4.65
N SER B 181 -6.65 -28.85 -5.36
CA SER B 181 -5.35 -28.55 -4.77
C SER B 181 -4.55 -27.56 -5.59
N SER B 182 -3.46 -27.09 -4.99
CA SER B 182 -2.48 -26.18 -5.54
C SER B 182 -1.40 -27.01 -6.24
N HIS B 183 -1.06 -26.66 -7.49
CA HIS B 183 -0.03 -27.33 -8.27
C HIS B 183 0.95 -26.32 -8.87
N PHE B 184 2.12 -26.16 -8.25
CA PHE B 184 3.17 -25.25 -8.70
C PHE B 184 3.92 -25.84 -9.88
N PRO B 185 4.35 -25.02 -10.87
CA PRO B 185 5.08 -25.59 -12.03
C PRO B 185 6.41 -26.21 -11.61
N TYR B 186 6.66 -27.45 -12.07
CA TYR B 186 7.90 -28.18 -11.78
C TYR B 186 9.12 -27.45 -12.38
N SER B 187 10.31 -27.66 -11.78
CA SER B 187 11.61 -27.02 -12.11
C SER B 187 11.55 -25.51 -11.80
N GLN B 188 10.62 -25.16 -10.90
CA GLN B 188 10.27 -23.87 -10.31
C GLN B 188 9.57 -24.12 -8.99
N TYR B 189 9.33 -25.41 -8.65
CA TYR B 189 8.60 -25.89 -7.49
C TYR B 189 9.15 -25.33 -6.17
N GLN B 190 10.48 -25.45 -5.93
CA GLN B 190 11.13 -24.94 -4.73
C GLN B 190 10.99 -23.41 -4.66
N PHE B 191 11.13 -22.71 -5.81
CA PHE B 191 11.00 -21.26 -5.86
C PHE B 191 9.60 -20.83 -5.39
N TRP B 192 8.54 -21.49 -5.92
CA TRP B 192 7.14 -21.19 -5.60
C TRP B 192 6.81 -21.57 -4.16
N LYS B 193 7.32 -22.72 -3.66
CA LYS B 193 7.12 -23.14 -2.29
C LYS B 193 7.70 -22.06 -1.36
N ASN B 194 8.94 -21.60 -1.65
CA ASN B 194 9.67 -20.57 -0.89
C ASN B 194 8.99 -19.19 -0.96
N PHE B 195 8.60 -18.74 -2.18
CA PHE B 195 7.98 -17.43 -2.36
C PHE B 195 6.64 -17.34 -1.68
N GLN B 196 5.77 -18.33 -1.93
CA GLN B 196 4.41 -18.37 -1.38
C GLN B 196 4.39 -18.51 0.14
N THR B 197 5.37 -19.20 0.73
CA THR B 197 5.49 -19.37 2.18
C THR B 197 5.83 -18.03 2.81
N LEU B 198 6.87 -17.37 2.30
CA LEU B 198 7.31 -16.08 2.83
C LEU B 198 6.27 -14.99 2.62
N LYS B 199 5.41 -15.09 1.57
CA LYS B 199 4.34 -14.11 1.32
C LYS B 199 3.30 -14.19 2.43
N ILE B 200 2.92 -15.43 2.85
CA ILE B 200 1.94 -15.67 3.92
C ILE B 200 2.53 -15.28 5.30
N VAL B 201 3.80 -15.63 5.58
CA VAL B 201 4.46 -15.34 6.86
C VAL B 201 4.71 -13.82 7.00
N ILE B 202 5.16 -13.13 5.92
CA ILE B 202 5.41 -11.69 5.96
C ILE B 202 4.07 -10.93 6.12
N LEU B 203 3.04 -11.23 5.29
CA LEU B 203 1.74 -10.53 5.33
C LEU B 203 0.84 -10.93 6.53
N GLY B 204 0.93 -12.18 6.99
CA GLY B 204 0.09 -12.68 8.06
C GLY B 204 0.70 -12.74 9.46
N LEU B 205 2.02 -12.51 9.58
CA LEU B 205 2.68 -12.57 10.88
C LEU B 205 3.69 -11.43 11.08
N VAL B 206 4.67 -11.27 10.20
CA VAL B 206 5.73 -10.25 10.33
C VAL B 206 5.15 -8.83 10.25
N LEU B 207 4.29 -8.55 9.22
CA LEU B 207 3.69 -7.24 9.02
C LEU B 207 2.76 -6.87 10.18
N PRO B 208 1.73 -7.68 10.58
CA PRO B 208 0.87 -7.26 11.71
C PRO B 208 1.64 -7.08 13.01
N LEU B 209 2.61 -7.94 13.31
CA LEU B 209 3.44 -7.91 14.53
C LEU B 209 4.28 -6.65 14.64
N LEU B 210 4.84 -6.15 13.52
CA LEU B 210 5.60 -4.91 13.51
C LEU B 210 4.68 -3.73 13.75
N VAL B 211 3.50 -3.74 13.08
CA VAL B 211 2.47 -2.72 13.24
C VAL B 211 2.08 -2.67 14.71
N MET B 212 1.80 -3.83 15.32
CA MET B 212 1.41 -3.97 16.72
C MET B 212 2.42 -3.29 17.67
N VAL B 213 3.70 -3.68 17.57
CA VAL B 213 4.79 -3.20 18.43
C VAL B 213 4.95 -1.68 18.32
N ILE B 214 5.03 -1.13 17.07
CA ILE B 214 5.20 0.30 16.80
C ILE B 214 3.97 1.12 17.29
N CYS B 215 2.74 0.68 16.95
CA CYS B 215 1.50 1.38 17.28
C CYS B 215 1.16 1.33 18.77
N TYR B 216 1.23 0.16 19.42
CA TYR B 216 0.86 0.11 20.83
C TYR B 216 1.95 0.68 21.76
N SER B 217 3.18 0.89 21.24
CA SER B 217 4.24 1.53 22.01
C SER B 217 3.87 3.01 22.17
N GLY B 218 3.39 3.62 21.08
CA GLY B 218 2.94 5.01 21.04
C GLY B 218 1.64 5.20 21.78
N ILE B 219 0.66 4.29 21.58
CA ILE B 219 -0.63 4.35 22.25
C ILE B 219 -0.41 4.27 23.75
N LEU B 220 0.31 3.25 24.24
CA LEU B 220 0.58 3.04 25.68
C LEU B 220 1.30 4.25 26.28
N LYS B 221 2.25 4.86 25.55
CA LYS B 221 3.00 6.04 25.98
C LYS B 221 2.07 7.22 26.22
N THR B 222 1.05 7.40 25.36
CA THR B 222 0.07 8.48 25.47
C THR B 222 -0.91 8.21 26.62
N LEU B 223 -1.46 6.98 26.69
CA LEU B 223 -2.40 6.55 27.72
C LEU B 223 -1.80 6.77 29.11
N LEU B 224 -0.51 6.42 29.28
CA LEU B 224 0.18 6.57 30.56
C LEU B 224 0.50 8.02 30.91
N ARG B 225 0.91 8.85 29.95
CA ARG B 225 1.26 10.25 30.23
C ARG B 225 0.03 11.15 30.42
N MET B 226 -1.19 10.64 30.17
CA MET B 226 -2.45 11.39 30.32
C MET B 226 -3.27 10.89 31.51
N LYS B 227 -2.80 9.78 32.12
CA LYS B 227 -3.39 9.10 33.26
C LYS B 227 -3.48 10.04 34.49
N LYS B 228 -4.68 10.14 35.04
CA LYS B 228 -5.03 10.92 36.22
C LYS B 228 -4.82 10.06 37.45
N TYR B 229 -4.38 10.68 38.55
CA TYR B 229 -4.15 9.98 39.82
C TYR B 229 -4.84 10.75 40.92
N THR B 230 -5.42 10.04 41.89
CA THR B 230 -6.13 10.67 43.01
C THR B 230 -5.51 10.27 44.35
N CYS B 231 -5.47 11.22 45.30
CA CYS B 231 -4.97 11.01 46.65
C CYS B 231 -6.03 10.23 47.43
N THR B 232 -5.65 9.07 48.00
CA THR B 232 -6.56 8.21 48.77
C THR B 232 -6.86 8.81 50.17
N VAL B 233 -6.13 9.86 50.57
CA VAL B 233 -6.27 10.50 51.89
C VAL B 233 -7.28 11.70 51.83
N CYS B 234 -7.00 12.73 51.01
CA CYS B 234 -7.82 13.95 50.94
C CYS B 234 -8.75 14.00 49.71
N GLY B 235 -8.48 13.17 48.70
CA GLY B 235 -9.28 13.14 47.49
C GLY B 235 -8.81 14.02 46.35
N TYR B 236 -7.65 14.74 46.52
CA TYR B 236 -7.06 15.60 45.49
C TYR B 236 -6.83 14.81 44.20
N ILE B 237 -7.17 15.40 43.04
CA ILE B 237 -6.93 14.77 41.73
C ILE B 237 -5.70 15.39 41.05
N TYR B 238 -4.76 14.58 40.58
CA TYR B 238 -3.63 15.08 39.81
C TYR B 238 -3.93 14.86 38.33
N ASN B 239 -3.99 15.94 37.55
CA ASN B 239 -4.17 15.84 36.11
C ASN B 239 -2.87 16.29 35.41
N PRO B 240 -2.20 15.35 34.70
CA PRO B 240 -0.94 15.70 34.02
C PRO B 240 -1.04 16.97 33.14
N GLU B 241 -2.21 17.22 32.52
CA GLU B 241 -2.52 18.37 31.66
C GLU B 241 -2.31 19.72 32.41
N ASP B 242 -2.63 19.75 33.71
CA ASP B 242 -2.46 20.92 34.56
C ASP B 242 -1.11 20.90 35.30
N GLY B 243 -0.68 19.73 35.74
CA GLY B 243 0.53 19.60 36.51
C GLY B 243 0.25 20.10 37.92
N ASP B 244 1.24 20.76 38.55
CA ASP B 244 1.18 21.40 39.88
C ASP B 244 2.28 22.48 39.88
N PRO B 245 2.09 23.56 39.06
CA PRO B 245 3.17 24.55 38.86
C PRO B 245 3.64 25.30 40.11
N ASP B 246 2.82 25.41 41.14
CA ASP B 246 3.22 26.10 42.36
C ASP B 246 4.30 25.30 43.13
N ASN B 247 4.41 23.98 42.84
CA ASN B 247 5.38 23.06 43.45
C ASN B 247 6.46 22.64 42.47
N GLY B 248 6.58 23.37 41.36
CA GLY B 248 7.59 23.11 40.33
C GLY B 248 7.31 21.93 39.41
N VAL B 249 6.02 21.63 39.19
CA VAL B 249 5.59 20.56 38.30
C VAL B 249 4.88 21.21 37.10
N ASN B 250 5.59 21.26 35.95
CA ASN B 250 5.13 21.87 34.72
C ASN B 250 3.89 21.17 34.14
N PRO B 251 2.91 21.92 33.58
CA PRO B 251 1.77 21.25 32.92
C PRO B 251 2.28 20.33 31.79
N GLY B 252 1.71 19.14 31.69
CA GLY B 252 2.12 18.14 30.73
C GLY B 252 3.03 17.06 31.29
N THR B 253 3.21 17.02 32.63
CA THR B 253 4.08 16.05 33.28
C THR B 253 3.33 14.82 33.74
N ASP B 254 3.74 13.64 33.26
CA ASP B 254 3.23 12.33 33.66
C ASP B 254 3.44 12.21 35.16
N PHE B 255 2.41 11.76 35.90
CA PHE B 255 2.51 11.64 37.35
C PHE B 255 3.70 10.76 37.77
N LYS B 256 3.99 9.69 37.01
CA LYS B 256 5.08 8.78 37.31
C LYS B 256 6.46 9.47 37.13
N ASP B 257 6.52 10.57 36.34
CA ASP B 257 7.75 11.34 36.06
C ASP B 257 8.05 12.39 37.13
N ILE B 258 7.16 12.56 38.12
CA ILE B 258 7.35 13.54 39.19
C ILE B 258 8.36 12.97 40.20
N PRO B 259 9.40 13.75 40.62
CA PRO B 259 10.32 13.24 41.67
C PRO B 259 9.59 12.83 42.95
N ASP B 260 10.14 11.84 43.68
CA ASP B 260 9.57 11.26 44.90
C ASP B 260 9.58 12.22 46.12
N ASP B 261 10.19 13.43 46.00
CA ASP B 261 10.17 14.45 47.07
C ASP B 261 8.85 15.29 47.03
N TRP B 262 8.02 15.10 45.98
CA TRP B 262 6.74 15.79 45.79
C TRP B 262 5.68 15.20 46.69
N VAL B 263 4.88 16.09 47.27
CA VAL B 263 3.78 15.73 48.18
C VAL B 263 2.46 16.29 47.66
N CYS B 264 1.33 15.70 48.12
CA CYS B 264 -0.02 16.14 47.79
C CYS B 264 -0.17 17.64 48.12
N PRO B 265 -0.60 18.47 47.14
CA PRO B 265 -0.74 19.91 47.41
C PRO B 265 -1.84 20.27 48.42
N LEU B 266 -2.63 19.28 48.86
CA LEU B 266 -3.67 19.51 49.86
C LEU B 266 -3.24 19.00 51.24
N CYS B 267 -3.16 17.66 51.45
CA CYS B 267 -2.86 17.09 52.76
C CYS B 267 -1.36 16.89 53.04
N GLY B 268 -0.52 16.94 52.02
CA GLY B 268 0.92 16.81 52.17
C GLY B 268 1.49 15.41 52.28
N VAL B 269 0.73 14.38 51.87
CA VAL B 269 1.21 12.99 51.87
C VAL B 269 2.01 12.69 50.57
N GLY B 270 2.81 11.62 50.59
CA GLY B 270 3.64 11.18 49.47
C GLY B 270 2.92 10.58 48.28
N LYS B 271 3.68 10.33 47.19
CA LYS B 271 3.18 9.74 45.94
C LYS B 271 2.56 8.34 46.12
N ASP B 272 3.05 7.56 47.11
CA ASP B 272 2.61 6.21 47.44
C ASP B 272 1.14 6.15 47.92
N GLN B 273 0.59 7.30 48.38
CA GLN B 273 -0.80 7.38 48.85
C GLN B 273 -1.77 7.67 47.70
N PHE B 274 -1.25 7.73 46.48
CA PHE B 274 -2.01 8.00 45.27
C PHE B 274 -2.37 6.72 44.53
N GLU B 275 -3.55 6.73 43.93
CA GLU B 275 -4.16 5.64 43.18
C GLU B 275 -4.56 6.16 41.79
N GLU B 276 -4.46 5.28 40.81
CA GLU B 276 -4.81 5.50 39.42
C GLU B 276 -6.35 5.67 39.26
N VAL B 277 -6.76 6.66 38.44
CA VAL B 277 -8.17 6.94 38.08
C VAL B 277 -8.49 6.11 36.81
N GLU B 278 -9.67 5.47 36.76
CA GLU B 278 -10.11 4.69 35.60
C GLU B 278 -10.36 5.59 34.39
N GLU B 279 -9.95 5.13 33.19
CA GLU B 279 -10.04 5.80 31.90
C GLU B 279 -11.43 6.39 31.62
N GLU B 280 -11.48 7.71 31.39
CA GLU B 280 -12.69 8.48 31.13
C GLU B 280 -12.92 8.73 29.63
N LYS B 281 -11.84 8.97 28.83
CA LYS B 281 -11.91 9.26 27.40
C LYS B 281 -12.38 8.04 26.62
N LYS B 282 -13.47 8.19 25.81
CA LYS B 282 -14.03 7.10 25.00
C LYS B 282 -13.00 6.60 23.98
N ARG B 283 -12.22 7.52 23.36
CA ARG B 283 -11.20 7.20 22.36
C ARG B 283 -10.07 6.34 22.97
N HIS B 284 -9.77 6.54 24.28
CA HIS B 284 -8.78 5.77 25.03
C HIS B 284 -9.36 4.41 25.44
N ARG B 285 -10.64 4.39 25.86
CA ARG B 285 -11.34 3.15 26.25
C ARG B 285 -11.49 2.19 25.04
N ASP B 286 -11.67 2.75 23.81
CA ASP B 286 -11.86 2.00 22.55
C ASP B 286 -10.62 1.16 22.16
N VAL B 287 -9.45 1.46 22.76
CA VAL B 287 -8.19 0.75 22.53
C VAL B 287 -8.31 -0.72 22.99
N ARG B 288 -9.12 -1.02 24.04
CA ARG B 288 -9.25 -2.38 24.57
C ARG B 288 -9.79 -3.38 23.54
N LEU B 289 -10.82 -2.98 22.77
CA LEU B 289 -11.47 -3.85 21.79
C LEU B 289 -10.52 -4.19 20.64
N ILE B 290 -9.90 -3.16 20.03
CA ILE B 290 -9.03 -3.27 18.87
C ILE B 290 -7.76 -4.05 19.23
N PHE B 291 -7.20 -3.84 20.45
CA PHE B 291 -6.03 -4.61 20.92
C PHE B 291 -6.40 -6.10 21.10
N THR B 292 -7.61 -6.40 21.67
CA THR B 292 -8.11 -7.77 21.87
C THR B 292 -8.26 -8.46 20.50
N ILE B 293 -8.82 -7.76 19.47
CA ILE B 293 -9.00 -8.25 18.10
C ILE B 293 -7.67 -8.79 17.54
N MET B 294 -6.59 -7.96 17.57
CA MET B 294 -5.27 -8.31 17.06
C MET B 294 -4.61 -9.44 17.87
N ILE B 295 -4.69 -9.40 19.21
CA ILE B 295 -4.08 -10.42 20.04
C ILE B 295 -4.77 -11.79 19.88
N VAL B 296 -6.10 -11.81 19.68
CA VAL B 296 -6.84 -13.08 19.52
C VAL B 296 -6.51 -13.65 18.12
N TYR B 297 -6.34 -12.77 17.12
CA TYR B 297 -5.95 -13.16 15.76
C TYR B 297 -4.61 -13.94 15.84
N PHE B 298 -3.62 -13.43 16.59
CA PHE B 298 -2.32 -14.10 16.73
C PHE B 298 -2.43 -15.46 17.43
N LEU B 299 -3.37 -15.62 18.39
CA LEU B 299 -3.53 -16.89 19.09
C LEU B 299 -4.04 -17.97 18.14
N PHE B 300 -4.89 -17.59 17.17
CA PHE B 300 -5.47 -18.50 16.19
C PHE B 300 -4.59 -18.72 14.95
N TRP B 301 -3.80 -17.72 14.51
CA TRP B 301 -3.06 -17.86 13.25
C TRP B 301 -1.54 -17.98 13.37
N ALA B 302 -0.89 -17.45 14.44
CA ALA B 302 0.56 -17.57 14.63
C ALA B 302 1.01 -19.04 14.70
N PRO B 303 0.27 -20.00 15.32
CA PRO B 303 0.70 -21.40 15.28
C PRO B 303 0.88 -21.91 13.83
N TYR B 304 -0.04 -21.54 12.89
CA TYR B 304 0.04 -21.95 11.48
C TYR B 304 1.28 -21.37 10.78
N ASN B 305 1.48 -20.04 10.91
CA ASN B 305 2.59 -19.29 10.32
C ASN B 305 3.95 -19.85 10.74
N ILE B 306 4.08 -20.31 12.00
CA ILE B 306 5.32 -20.87 12.54
C ILE B 306 5.52 -22.29 11.97
N VAL B 307 4.46 -23.13 11.95
CA VAL B 307 4.52 -24.52 11.41
C VAL B 307 4.82 -24.46 9.88
N LEU B 308 4.19 -23.52 9.13
CA LEU B 308 4.40 -23.35 7.68
C LEU B 308 5.87 -23.03 7.34
N LEU B 309 6.49 -22.14 8.14
CA LEU B 309 7.88 -21.72 7.98
C LEU B 309 8.82 -22.91 8.27
N LEU B 310 8.47 -23.72 9.29
CA LEU B 310 9.21 -24.92 9.70
C LEU B 310 9.13 -26.04 8.64
N ASN B 311 7.93 -26.27 8.10
CA ASN B 311 7.62 -27.30 7.10
C ASN B 311 8.30 -27.00 5.74
N THR B 312 8.32 -25.72 5.32
CA THR B 312 8.94 -25.33 4.06
C THR B 312 10.47 -25.24 4.22
N PHE B 313 10.96 -24.31 5.07
CA PHE B 313 12.38 -24.04 5.24
C PHE B 313 13.06 -24.90 6.30
N GLN B 314 12.73 -24.69 7.60
CA GLN B 314 13.34 -25.39 8.75
C GLN B 314 13.32 -26.92 8.59
N GLU B 315 12.76 -27.44 7.46
CA GLU B 315 12.76 -28.86 7.12
C GLU B 315 14.18 -29.25 6.73
N PHE B 316 14.97 -28.26 6.27
CA PHE B 316 16.38 -28.40 5.91
C PHE B 316 17.25 -27.86 7.06
N PHE B 317 16.82 -26.75 7.68
CA PHE B 317 17.49 -26.07 8.80
C PHE B 317 17.34 -26.82 10.14
N GLY B 318 16.40 -27.74 10.24
CA GLY B 318 16.14 -28.49 11.46
C GLY B 318 15.87 -29.98 11.31
N LEU B 319 14.62 -30.34 10.96
CA LEU B 319 14.18 -31.75 10.86
C LEU B 319 13.81 -32.17 9.42
N ASN B 320 14.60 -33.11 8.85
CA ASN B 320 14.48 -33.63 7.49
C ASN B 320 13.95 -35.08 7.43
N ASN B 321 13.91 -35.77 8.58
CA ASN B 321 13.47 -37.17 8.79
C ASN B 321 12.09 -37.49 8.21
N CYS B 322 11.77 -38.79 8.04
CA CYS B 322 10.47 -39.24 7.53
C CYS B 322 9.40 -39.02 8.62
N SER B 323 9.76 -39.35 9.88
CA SER B 323 8.88 -39.20 11.05
C SER B 323 8.50 -37.74 11.28
N SER B 324 9.49 -36.83 11.19
CA SER B 324 9.30 -35.38 11.36
C SER B 324 8.53 -34.77 10.18
N SER B 325 8.67 -35.35 8.96
CA SER B 325 7.97 -34.89 7.76
C SER B 325 6.47 -35.13 7.89
N ASN B 326 6.07 -36.25 8.52
CA ASN B 326 4.68 -36.62 8.78
C ASN B 326 4.11 -35.78 9.94
N ARG B 327 4.90 -35.60 11.01
CA ARG B 327 4.59 -34.82 12.20
C ARG B 327 4.28 -33.34 11.85
N LEU B 328 5.09 -32.75 10.96
CA LEU B 328 4.97 -31.37 10.50
C LEU B 328 3.83 -31.20 9.51
N ASP B 329 3.53 -32.23 8.70
CA ASP B 329 2.43 -32.18 7.74
C ASP B 329 1.07 -32.25 8.47
N GLN B 330 0.98 -33.12 9.52
CA GLN B 330 -0.21 -33.27 10.36
C GLN B 330 -0.43 -32.00 11.18
N ALA B 331 0.67 -31.36 11.66
CA ALA B 331 0.63 -30.10 12.41
C ALA B 331 0.12 -28.96 11.53
N MET B 332 0.46 -29.00 10.21
CA MET B 332 -0.01 -28.00 9.25
C MET B 332 -1.53 -28.09 9.09
N GLN B 333 -2.07 -29.33 9.04
CA GLN B 333 -3.52 -29.55 8.92
C GLN B 333 -4.27 -29.04 10.17
N VAL B 334 -3.77 -29.37 11.38
CA VAL B 334 -4.36 -28.98 12.67
C VAL B 334 -4.37 -27.45 12.82
N THR B 335 -3.20 -26.79 12.61
CA THR B 335 -3.04 -25.35 12.78
C THR B 335 -3.82 -24.53 11.74
N GLU B 336 -3.98 -25.05 10.52
CA GLU B 336 -4.77 -24.35 9.49
C GLU B 336 -6.27 -24.45 9.82
N THR B 337 -6.71 -25.58 10.41
CA THR B 337 -8.09 -25.80 10.88
C THR B 337 -8.38 -24.83 12.04
N LEU B 338 -7.42 -24.70 13.01
CA LEU B 338 -7.50 -23.75 14.12
C LEU B 338 -7.66 -22.31 13.58
N GLY B 339 -6.86 -21.98 12.58
CA GLY B 339 -6.89 -20.67 11.95
C GLY B 339 -8.24 -20.39 11.32
N MET B 340 -8.75 -21.35 10.54
CA MET B 340 -10.03 -21.23 9.85
C MET B 340 -11.15 -20.86 10.85
N THR B 341 -11.14 -21.50 12.02
CA THR B 341 -12.06 -21.32 13.15
C THR B 341 -12.20 -19.85 13.58
N HIS B 342 -11.15 -19.04 13.33
CA HIS B 342 -11.10 -17.62 13.70
C HIS B 342 -12.16 -16.77 12.97
N CYS B 343 -12.78 -17.25 11.88
CA CYS B 343 -13.80 -16.49 11.15
C CYS B 343 -15.14 -16.33 11.92
N CYS B 344 -15.35 -17.13 12.99
CA CYS B 344 -16.57 -17.00 13.79
C CYS B 344 -16.30 -16.28 15.15
N ILE B 345 -15.00 -16.05 15.51
CA ILE B 345 -14.55 -15.52 16.81
C ILE B 345 -14.81 -14.01 17.03
N ASN B 346 -14.42 -13.11 16.09
CA ASN B 346 -14.60 -11.65 16.24
C ASN B 346 -15.99 -11.24 16.70
N PRO B 347 -17.13 -11.76 16.15
CA PRO B 347 -18.44 -11.31 16.65
C PRO B 347 -18.67 -11.66 18.13
N ILE B 348 -17.96 -12.71 18.66
CA ILE B 348 -18.06 -13.10 20.06
C ILE B 348 -17.27 -12.08 20.90
N ILE B 349 -16.12 -11.57 20.40
CA ILE B 349 -15.31 -10.59 21.15
C ILE B 349 -16.09 -9.26 21.28
N TYR B 350 -16.79 -8.81 20.20
CA TYR B 350 -17.56 -7.56 20.23
C TYR B 350 -18.63 -7.62 21.30
N ALA B 351 -19.27 -8.78 21.46
CA ALA B 351 -20.32 -9.02 22.43
C ALA B 351 -19.84 -8.88 23.88
N PHE B 352 -18.58 -9.27 24.17
CA PHE B 352 -18.06 -9.24 25.55
C PHE B 352 -17.09 -8.10 25.84
N VAL B 353 -16.26 -7.69 24.87
CA VAL B 353 -15.25 -6.65 25.06
C VAL B 353 -15.77 -5.28 24.57
N GLY B 354 -16.50 -5.23 23.46
CA GLY B 354 -17.02 -3.99 22.90
C GLY B 354 -18.14 -3.34 23.69
N GLU B 355 -17.90 -2.14 24.27
CA GLU B 355 -18.85 -1.39 25.09
C GLU B 355 -20.10 -0.98 24.32
N GLU B 356 -19.92 -0.46 23.07
CA GLU B 356 -21.01 -0.03 22.18
C GLU B 356 -21.92 -1.23 21.81
N PHE B 357 -21.32 -2.36 21.41
CA PHE B 357 -22.04 -3.60 21.06
C PHE B 357 -22.68 -4.25 22.29
N ARG B 358 -21.95 -4.28 23.43
CA ARG B 358 -22.39 -4.89 24.68
C ARG B 358 -23.61 -4.15 25.21
N ASN B 359 -23.56 -2.79 25.30
CA ASN B 359 -24.66 -1.92 25.75
C ASN B 359 -25.84 -2.03 24.77
N TYR B 360 -25.56 -2.19 23.46
CA TYR B 360 -26.58 -2.38 22.43
C TYR B 360 -27.36 -3.66 22.73
N LEU B 361 -26.66 -4.76 23.08
CA LEU B 361 -27.28 -6.05 23.40
C LEU B 361 -28.04 -5.99 24.72
N LEU B 362 -27.50 -5.28 25.74
CA LEU B 362 -28.11 -5.14 27.07
C LEU B 362 -29.40 -4.31 27.02
N VAL B 363 -29.47 -3.27 26.15
CA VAL B 363 -30.65 -2.40 25.95
C VAL B 363 -31.68 -3.19 25.13
N PHE B 364 -31.18 -4.06 24.21
CA PHE B 364 -31.94 -5.06 23.46
C PHE B 364 -32.30 -6.11 24.51
N PHE B 365 -33.21 -7.07 24.22
CA PHE B 365 -33.70 -8.03 25.22
C PHE B 365 -34.65 -7.30 26.19
N GLN B 366 -35.24 -6.15 25.72
CA GLN B 366 -36.17 -5.22 26.38
C GLN B 366 -35.84 -5.01 27.87
F1 MRV C . 16.52 -4.67 -27.66
O1 MRV C . 12.35 -2.93 -26.90
C1 MRV C . 5.56 -6.53 -24.52
N1 MRV C . 4.68 -7.44 -23.68
C10 MRV C . 8.56 -3.46 -25.35
C11 MRV C . 4.67 -6.24 -21.40
C12 MRV C . 9.86 -3.50 -24.56
C13 MRV C . 10.62 -2.20 -24.77
C14 MRV C . 4.21 -9.17 -25.51
C15 MRV C . 10.17 -1.19 -23.90
C16 MRV C . 12.79 -2.82 -25.75
C17 MRV C . 14.25 -3.19 -25.45
C18 MRV C . 16.81 -4.37 -26.35
C19 MRV C . 5.22 -6.75 -20.06
F2 MRV C . 18.07 -4.82 -26.11
N2 MRV C . 7.54 -4.41 -24.83
C2 MRV C . 7.87 -5.81 -25.20
C20 MRV C . 3.43 -5.36 -21.25
C21 MRV C . 14.40 -4.69 -25.71
C22 MRV C . 15.23 -2.32 -26.29
C23 MRV C . 15.84 -5.11 -25.42
C24 MRV C . 16.69 -2.82 -26.11
C25 MRV C . 9.62 -0.04 -24.47
C26 MRV C . 10.18 -1.35 -22.51
C27 MRV C . 9.12 0.97 -23.65
C28 MRV C . 9.66 -0.35 -21.69
C29 MRV C . 9.14 0.81 -22.27
C3 MRV C . 6.21 -4.23 -25.45
N3 MRV C . 3.56 -8.45 -22.09
C4 MRV C . 4.34 -7.40 -22.38
N4 MRV C . 3.43 -9.14 -23.08
N5 MRV C . 12.06 -2.50 -24.66
C5 MRV C . 7.06 -6.77 -24.31
C6 MRV C . 5.13 -5.04 -24.69
C7 MRV C . 4.10 -8.58 -24.09
C8 MRV C . 7.47 -5.90 -26.69
C9 MRV C . 6.38 -4.80 -26.87
ZN ZN D . 9.66 35.16 21.99
C9 OLC E . 17.04 18.60 -24.57
C8 OLC E . 15.63 18.09 -24.68
C24 OLC E . 15.92 9.11 -33.26
C7 OLC E . 15.61 16.56 -24.60
C6 OLC E . 14.49 15.96 -25.46
C5 OLC E . 15.00 14.76 -26.25
C4 OLC E . 13.89 14.10 -27.04
C3 OLC E . 14.22 14.00 -28.52
C2 OLC E . 13.71 12.68 -29.13
C21 OLC E . 14.31 10.46 -31.90
C1 OLC E . 14.76 12.03 -30.00
C22 OLC E . 14.90 10.25 -33.30
O19 OLC E . 15.83 11.67 -29.52
O25 OLC E . 16.50 8.89 -34.55
O23 OLC E . 13.85 9.91 -34.21
O20 OLC E . 14.52 11.79 -31.43
C24 OLC F . -10.14 -12.67 -28.23
C6 OLC F . -10.18 -2.58 -25.06
C5 OLC F . -10.65 -4.02 -25.00
C4 OLC F . -9.97 -4.86 -26.07
C3 OLC F . -10.03 -6.35 -25.72
C2 OLC F . -9.66 -7.23 -26.93
C21 OLC F . -8.93 -10.86 -26.99
C1 OLC F . -8.80 -8.39 -26.49
C22 OLC F . -9.83 -11.17 -28.19
O19 OLC F . -7.60 -8.22 -26.31
O25 OLC F . -9.96 -13.15 -29.57
O23 OLC F . -11.06 -10.44 -28.16
O20 OLC F . -9.37 -9.70 -26.25
C8 OLC G . -13.71 -5.37 -18.90
C24 OLC G . -10.23 -13.67 -24.64
C7 OLC G . -12.28 -5.75 -19.25
C6 OLC G . -12.08 -7.24 -19.08
C5 OLC G . -10.71 -7.71 -19.54
C4 OLC G . -10.70 -8.18 -21.00
C3 OLC G . -10.95 -9.68 -21.17
C2 OLC G . -9.72 -10.54 -20.85
C21 OLC G . -8.27 -12.42 -23.71
C1 OLC G . -8.71 -10.63 -21.98
C22 OLC G . -8.99 -13.77 -23.74
O19 OLC G . -8.28 -9.63 -22.54
O25 OLC G . -11.43 -13.82 -23.87
O23 OLC G . -8.10 -14.77 -24.23
O20 OLC G . -8.17 -11.93 -22.37
C18 OLC H . -4.63 16.37 -26.54
C10 OLC H . -1.47 8.76 -31.01
C9 OLC H . -1.41 7.82 -31.96
C17 OLC H . -3.78 15.56 -27.50
C11 OLC H . -0.70 10.07 -30.99
C8 OLC H . -0.53 7.90 -33.20
C24 OLC H . 0.04 -0.03 -42.53
C16 OLC H . -4.22 14.08 -27.54
C12 OLC H . -1.68 11.22 -30.82
C7 OLC H . -0.06 6.50 -33.57
C15 OLC H . -3.02 13.15 -27.73
C13 OLC H . -1.74 11.75 -29.38
C6 OLC H . 0.97 6.56 -34.69
C14 OLC H . -2.98 12.61 -29.16
C5 OLC H . 1.12 5.20 -35.36
C4 OLC H . 0.54 5.23 -36.78
C3 OLC H . 0.09 3.85 -37.23
C2 OLC H . 0.89 3.38 -38.44
C21 OLC H . 1.38 0.51 -40.50
C1 OLC H . 1.09 1.88 -38.43
C22 OLC H . 0.68 -0.61 -41.26
O19 OLC H . 1.73 1.35 -37.52
O25 OLC H . -0.59 -1.07 -43.28
O23 OLC H . 1.62 -1.63 -41.62
O20 OLC H . 0.54 1.05 -39.49
C10 OLC I . -1.98 -1.67 -7.16
C9 OLC I . -1.49 -2.28 -8.25
C11 OLC I . -1.30 -1.59 -5.82
C8 OLC I . -0.16 -2.99 -8.31
C24 OLC I . 6.10 -12.80 -13.19
C12 OLC I . -1.92 -0.50 -4.96
C7 OLC I . -0.36 -4.41 -8.81
C6 OLC I . 0.96 -5.04 -9.26
C5 OLC I . 1.04 -6.55 -9.07
C4 OLC I . 2.45 -6.98 -8.62
C3 OLC I . 3.46 -6.98 -9.76
C2 OLC I . 3.75 -8.41 -10.23
C21 OLC I . 4.94 -10.89 -12.10
C1 OLC I . 4.93 -8.53 -11.19
C22 OLC I . 5.77 -11.32 -13.30
O19 OLC I . 5.35 -7.57 -11.80
O25 OLC I . 6.01 -13.45 -14.48
O23 OLC I . 5.00 -11.06 -14.48
O20 OLC I . 5.59 -9.81 -11.41
C24 OLC J . 6.92 20.00 -0.54
C5 OLC J . 15.70 17.20 -3.43
C4 OLC J . 14.77 16.85 -2.27
C3 OLC J . 13.71 17.92 -2.08
C2 OLC J . 12.32 17.31 -2.14
C21 OLC J . 9.34 19.44 -0.81
C1 OLC J . 11.25 18.39 -2.11
C22 OLC J . 8.00 18.94 -0.29
O19 OLC J . 11.23 19.27 -2.96
O25 OLC J . 6.51 20.65 0.68
O23 OLC J . 7.63 17.71 -0.95
O20 OLC J . 10.23 18.34 -1.06
F1 MRV K . 2.95 -24.54 -0.70
O1 MRV K . -1.31 -22.22 0.09
C1 MRV K . -8.08 -26.13 2.52
N1 MRV K . -8.92 -27.01 3.44
C10 MRV K . -5.08 -23.06 1.66
C11 MRV K . -8.75 -25.70 5.64
C12 MRV K . -3.80 -23.17 2.51
C13 MRV K . -3.00 -21.90 2.35
C14 MRV K . -9.53 -28.84 1.75
C15 MRV K . -3.39 -20.91 3.25
C16 MRV K . -0.83 -22.34 1.22
C17 MRV K . 0.64 -22.71 1.41
C18 MRV K . 3.20 -24.04 0.54
C19 MRV K . -8.04 -26.18 6.92
F2 MRV K . 4.43 -24.43 0.82
N2 MRV K . -6.09 -24.03 2.13
C2 MRV K . -5.78 -25.41 1.72
C20 MRV K . -9.94 -24.79 5.93
C21 MRV K . 0.78 -24.26 1.30
C22 MRV K . 1.58 -22.00 0.38
C23 MRV K . 2.23 -24.71 1.57
C24 MRV K . 3.07 -22.46 0.57
C25 MRV K . -3.82 -19.67 2.72
C26 MRV K . -3.43 -21.12 4.64
C27 MRV K . -4.25 -18.64 3.57
C28 MRV K . -3.87 -20.10 5.49
C29 MRV K . -4.27 -18.87 4.95
C3 MRV K . -7.46 -23.82 1.55
N3 MRV K . -9.98 -27.90 5.15
C4 MRV K . -9.20 -26.87 4.75
N4 MRV K . -10.18 -28.65 4.20
N5 MRV K . -1.55 -22.23 2.37
C5 MRV K . -6.56 -26.38 2.63
C6 MRV K . -8.51 -24.62 2.36
C7 MRV K . -9.53 -28.15 3.13
C8 MRV K . -6.25 -25.48 0.26
C9 MRV K . -7.35 -24.41 0.14
ZN ZN L . -4.05 14.49 49.71
C10 OLC M . -3.45 -22.01 20.86
C9 OLC M . -2.16 -22.32 21.00
C8 OLC M . -1.27 -21.52 21.92
C24 OLC M . 4.86 -27.70 16.03
C7 OLC M . 0.18 -21.62 21.46
C6 OLC M . 0.75 -20.25 21.13
C5 OLC M . 1.28 -20.23 19.71
C4 OLC M . 2.81 -20.15 19.63
C3 OLC M . 3.51 -21.51 19.71
C2 OLC M . 3.60 -22.23 18.36
C21 OLC M . 4.19 -25.52 17.09
C1 OLC M . 3.26 -23.69 18.55
C22 OLC M . 5.12 -26.73 17.19
O19 OLC M . 2.14 -24.03 18.93
O25 OLC M . 5.89 -28.69 15.95
O23 OLC M . 6.49 -26.30 17.16
O20 OLC M . 4.27 -24.72 18.27
C24 OLC N . -20.47 -37.99 6.15
C5 OLC N . -24.74 -30.37 9.38
C4 OLC N . -24.47 -31.86 9.51
C3 OLC N . -22.98 -32.16 9.63
C2 OLC N . -22.46 -32.88 8.39
C21 OLC N . -20.89 -35.75 7.20
C1 OLC N . -22.44 -34.38 8.59
C22 OLC N . -20.31 -37.14 7.41
O19 OLC N . -23.47 -35.01 8.82
O25 OLC N . -21.86 -38.21 5.85
O23 OLC N . -18.92 -37.03 7.74
O20 OLC N . -21.20 -35.13 8.45
C24 OLC O . 0.76 -32.83 16.70
C6 OLC O . -4.40 -26.44 19.05
C5 OLC O . -3.33 -25.37 19.24
C4 OLC O . -1.97 -25.97 19.59
C3 OLC O . -0.95 -25.83 18.47
C2 OLC O . -0.94 -27.04 17.55
C21 OLC O . 0.05 -30.69 17.84
C1 OLC O . 0.02 -28.15 17.97
C22 OLC O . 1.24 -31.53 17.34
O19 OLC O . 0.81 -27.99 18.90
O25 OLC O . 1.85 -33.67 16.33
O23 OLC O . 2.04 -30.80 16.41
O20 OLC O . 0.00 -29.41 17.22
C24 OLC P . -7.00 -0.60 27.03
C5 OLC P . 2.23 -2.63 24.21
C4 OLC P . 0.99 -3.32 24.76
C3 OLC P . 0.05 -2.28 25.36
C2 OLC P . -1.41 -2.58 25.01
C21 OLC P . -4.67 -0.96 26.23
C1 OLC P . -2.32 -1.46 25.47
C22 OLC P . -5.68 -1.34 27.30
O19 OLC P . -2.08 -0.29 25.18
O25 OLC P . -7.10 0.61 27.78
O23 OLC P . -5.91 -2.76 27.24
O20 OLC P . -3.50 -1.78 26.27
#